data_5QJH
#
_entry.id   5QJH
#
_cell.length_a   49.010
_cell.length_b   59.630
_cell.length_c   79.830
_cell.angle_alpha   79.410
_cell.angle_beta   81.640
_cell.angle_gamma   75.790
#
_symmetry.space_group_name_H-M   'P 1'
#
loop_
_entity.id
_entity.type
_entity.pdbx_description
1 polymer 'ADP-sugar pyrophosphatase'
2 non-polymer 'MAGNESIUM ION'
3 non-polymer 'CHLORIDE ION'
4 non-polymer 'methyl N-(5-methyl-1,2-oxazole-3-carbonyl)glycinate'
5 non-polymer 1,2-ETHANEDIOL
6 water water
#
_entity_poly.entity_id   1
_entity_poly.type   'polypeptide(L)'
_entity_poly.pdbx_seq_one_letter_code
;SMESQEPTESSQNGKQYIISEELISEGKWVKLEKTTYMDPTGKTRTWESVKRTTRKEQTADGVAVIPVLQRTLHYECIVL
VKQFRPPMGGYCIEFPAGLIDDGETPEAAALRELEEETGYKGDIAECSPAVCMDPGLSNCTIHIVTVTINGDDAENARPK
PKPGDGEFVEVISLPKNDLLQRLDALVAEEHLTVDARVYSYALALKHAN
;
_entity_poly.pdbx_strand_id   A,B,C,D
#
loop_
_chem_comp.id
_chem_comp.type
_chem_comp.name
_chem_comp.formula
CL non-polymer 'CHLORIDE ION' 'Cl -1'
EDO non-polymer 1,2-ETHANEDIOL 'C2 H6 O2'
K0Y non-polymer 'methyl N-(5-methyl-1,2-oxazole-3-carbonyl)glycinate' 'C8 H10 N2 O4'
MG non-polymer 'MAGNESIUM ION' 'Mg 2'
#
# COMPACT_ATOMS: atom_id res chain seq x y z
N LYS A 15 -7.37 26.60 38.31
CA LYS A 15 -6.14 26.81 39.11
C LYS A 15 -5.19 27.76 38.36
N GLN A 16 -4.64 27.33 37.22
CA GLN A 16 -3.49 28.03 36.60
C GLN A 16 -3.86 29.07 35.57
N TYR A 17 -3.01 30.09 35.45
CA TYR A 17 -3.30 31.23 34.57
C TYR A 17 -2.09 32.08 34.42
N ILE A 18 -2.12 32.90 33.38
CA ILE A 18 -1.04 33.78 33.03
C ILE A 18 -1.10 34.98 33.93
N ILE A 19 0.06 35.32 34.50
CA ILE A 19 0.25 36.55 35.25
C ILE A 19 0.75 37.68 34.35
N SER A 20 1.78 37.43 33.55
CA SER A 20 2.33 38.46 32.66
C SER A 20 3.14 37.82 31.57
N GLU A 21 3.33 38.58 30.48
CA GLU A 21 4.05 38.16 29.27
C GLU A 21 5.04 39.27 28.88
N GLU A 22 6.31 39.02 29.15
CA GLU A 22 7.36 39.98 28.93
C GLU A 22 8.01 39.68 27.60
N LEU A 23 8.00 40.64 26.69
CA LEU A 23 8.67 40.44 25.40
C LEU A 23 10.18 40.31 25.63
N ILE A 24 10.80 39.30 25.02
CA ILE A 24 12.27 39.16 25.04
C ILE A 24 12.88 39.62 23.73
N SER A 25 12.41 39.09 22.61
CA SER A 25 12.99 39.42 21.30
C SER A 25 11.91 39.32 20.25
N GLU A 26 11.69 40.39 19.49
CA GLU A 26 10.68 40.40 18.43
C GLU A 26 11.34 40.50 17.06
N GLY A 27 11.01 39.54 16.20
CA GLY A 27 11.42 39.55 14.79
C GLY A 27 10.26 40.10 13.98
N LYS A 28 10.37 39.98 12.66
CA LYS A 28 9.28 40.31 11.73
C LYS A 28 8.18 39.26 11.74
N TRP A 29 8.57 38.00 11.92
CA TRP A 29 7.67 36.84 11.84
C TRP A 29 7.41 36.10 13.16
N VAL A 30 8.38 36.12 14.08
CA VAL A 30 8.35 35.33 15.35
C VAL A 30 8.89 36.16 16.52
N LYS A 31 8.39 35.89 17.73
CA LYS A 31 8.90 36.49 18.95
C LYS A 31 9.01 35.52 20.09
N LEU A 32 9.87 35.87 21.03
CA LEU A 32 10.14 35.10 22.20
C LEU A 32 9.72 35.92 23.45
N GLU A 33 8.90 35.33 24.30
CA GLU A 33 8.38 36.00 25.50
C GLU A 33 8.79 35.23 26.74
N LYS A 34 9.02 35.93 27.86
CA LYS A 34 9.13 35.33 29.20
C LYS A 34 7.73 35.36 29.75
N THR A 35 7.21 34.18 30.01
CA THR A 35 5.82 34.06 30.43
C THR A 35 5.85 33.78 31.89
N THR A 36 5.06 34.53 32.66
CA THR A 36 4.94 34.33 34.09
C THR A 36 3.53 33.85 34.40
N TYR A 37 3.45 32.77 35.15
CA TYR A 37 2.15 32.18 35.46
C TYR A 37 2.02 31.67 36.89
N MET A 38 0.77 31.42 37.25
CA MET A 38 0.45 30.91 38.55
C MET A 38 0.36 29.40 38.43
N ASP A 39 1.18 28.70 39.21
CA ASP A 39 1.12 27.24 39.19
C ASP A 39 0.01 26.81 40.14
N PRO A 40 -0.34 25.52 40.16
CA PRO A 40 -1.57 25.14 40.88
C PRO A 40 -1.39 24.90 42.37
N THR A 41 -0.21 25.21 42.92
CA THR A 41 0.04 25.34 44.36
C THR A 41 -0.19 26.77 44.89
N GLY A 42 -0.27 27.75 43.98
CA GLY A 42 -0.35 29.17 44.32
C GLY A 42 0.99 29.90 44.18
N LYS A 43 1.99 29.19 43.69
CA LYS A 43 3.33 29.70 43.49
C LYS A 43 3.51 30.22 42.03
N THR A 44 4.12 31.40 41.93
CA THR A 44 4.55 32.04 40.68
C THR A 44 5.69 31.20 40.02
N ARG A 45 5.59 30.97 38.70
CA ARG A 45 6.66 30.37 37.88
C ARG A 45 6.79 31.04 36.48
N THR A 46 7.89 30.78 35.78
CA THR A 46 8.06 31.37 34.43
C THR A 46 8.33 30.29 33.39
N TRP A 47 8.17 30.70 32.14
CA TRP A 47 8.33 29.82 30.99
C TRP A 47 8.89 30.67 29.85
N GLU A 48 9.60 30.07 28.94
CA GLU A 48 9.92 30.74 27.69
C GLU A 48 8.97 30.34 26.56
N SER A 49 8.29 31.31 25.99
CA SER A 49 7.24 31.07 25.00
C SER A 49 7.55 31.68 23.67
N VAL A 50 7.19 30.98 22.61
CA VAL A 50 7.28 31.46 21.26
C VAL A 50 5.89 31.86 20.74
N LYS A 51 5.85 32.94 19.99
CA LYS A 51 4.63 33.29 19.29
C LYS A 51 4.91 33.91 17.96
N ARG A 52 4.00 33.75 17.02
CA ARG A 52 4.11 34.47 15.76
C ARG A 52 3.67 35.90 15.94
N THR A 53 4.24 36.79 15.12
CA THR A 53 3.86 38.20 15.10
C THR A 53 2.67 38.53 14.18
N THR A 54 2.32 37.56 13.33
CA THR A 54 1.28 37.71 12.34
C THR A 54 -0.18 37.49 12.76
N ARG A 55 -0.46 36.93 13.93
CA ARG A 55 -1.83 36.59 14.26
C ARG A 55 -2.64 37.85 14.58
N LYS A 56 -3.79 38.00 13.94
CA LYS A 56 -4.61 39.20 14.06
C LYS A 56 -5.85 38.81 14.83
N GLU A 57 -7.03 38.94 14.23
CA GLU A 57 -8.26 38.42 14.85
C GLU A 57 -8.52 36.93 14.52
N GLN A 58 -7.74 36.34 13.61
CA GLN A 58 -7.95 34.94 13.16
C GLN A 58 -8.06 33.95 14.33
N THR A 59 -8.91 32.94 14.13
CA THR A 59 -9.17 31.91 15.14
C THR A 59 -7.95 31.01 15.37
N ALA A 60 -6.96 31.14 14.49
CA ALA A 60 -5.74 30.37 14.54
C ALA A 60 -4.76 31.04 13.61
N ASP A 61 -3.50 30.70 13.77
CA ASP A 61 -2.45 31.19 12.88
C ASP A 61 -2.61 30.72 11.43
N GLY A 62 -3.04 29.47 11.30
CA GLY A 62 -2.94 28.71 10.08
C GLY A 62 -3.96 27.61 9.88
N VAL A 63 -3.82 26.98 8.72
CA VAL A 63 -4.52 25.78 8.39
C VAL A 63 -3.54 24.73 7.84
N ALA A 64 -3.88 23.49 8.12
CA ALA A 64 -3.30 22.37 7.38
C ALA A 64 -4.48 21.61 6.66
N VAL A 65 -4.23 21.09 5.47
CA VAL A 65 -5.31 20.47 4.74
C VAL A 65 -5.06 18.98 4.64
N ILE A 66 -6.07 18.19 5.04
CA ILE A 66 -6.09 16.78 4.80
C ILE A 66 -6.85 16.60 3.51
N PRO A 67 -6.15 16.38 2.38
CA PRO A 67 -6.83 16.34 1.09
C PRO A 67 -6.95 14.90 0.58
N VAL A 68 -8.18 14.43 0.50
CA VAL A 68 -8.48 13.06 0.13
C VAL A 68 -8.86 13.08 -1.33
N LEU A 69 -7.94 12.58 -2.13
CA LEU A 69 -8.10 12.62 -3.56
C LEU A 69 -8.86 11.37 -3.89
N GLN A 70 -10.08 11.57 -4.41
CA GLN A 70 -11.03 10.51 -4.78
C GLN A 70 -11.21 10.46 -6.33
N ARG A 71 -11.01 9.28 -6.89
CA ARG A 71 -11.24 8.95 -8.28
C ARG A 71 -11.84 7.57 -8.40
N THR A 72 -12.74 7.45 -9.37
CA THR A 72 -13.43 6.19 -9.65
C THR A 72 -12.39 5.16 -10.13
N LEU A 73 -12.45 3.99 -9.52
CA LEU A 73 -11.53 2.87 -9.82
C LEU A 73 -10.06 3.19 -9.51
N HIS A 74 -9.87 4.05 -8.50
CA HIS A 74 -8.59 4.29 -7.85
C HIS A 74 -8.83 4.18 -6.36
N TYR A 75 -7.81 3.76 -5.62
CA TYR A 75 -7.88 3.83 -4.18
C TYR A 75 -7.76 5.32 -3.80
N GLU A 76 -8.36 5.73 -2.70
CA GLU A 76 -8.27 7.16 -2.25
C GLU A 76 -6.83 7.48 -1.92
N CYS A 77 -6.39 8.70 -2.24
CA CYS A 77 -5.03 9.07 -1.92
C CYS A 77 -5.05 10.27 -0.99
N ILE A 78 -4.01 10.40 -0.17
CA ILE A 78 -3.80 11.58 0.65
C ILE A 78 -2.78 12.42 -0.08
N VAL A 79 -3.09 13.68 -0.31
CA VAL A 79 -2.19 14.55 -1.06
C VAL A 79 -1.27 15.26 -0.04
N LEU A 80 0.02 15.18 -0.29
CA LEU A 80 1.02 15.72 0.60
C LEU A 80 1.93 16.61 -0.21
N VAL A 81 2.70 17.41 0.48
CA VAL A 81 3.64 18.31 -0.19
C VAL A 81 5.00 18.20 0.46
N LYS A 82 6.03 18.40 -0.33
CA LYS A 82 7.44 18.28 0.07
C LYS A 82 8.05 19.62 -0.26
N GLN A 83 8.73 20.22 0.74
CA GLN A 83 9.31 21.53 0.62
C GLN A 83 10.55 21.57 1.46
N PHE A 84 11.42 22.53 1.12
CA PHE A 84 12.56 22.85 1.96
C PHE A 84 12.04 23.72 3.09
N ARG A 85 12.47 23.40 4.28
CA ARG A 85 12.04 24.11 5.48
C ARG A 85 13.28 24.65 6.17
N PRO A 86 13.53 25.95 6.00
CA PRO A 86 14.75 26.45 6.62
C PRO A 86 14.98 26.09 8.10
N PRO A 87 13.95 26.15 8.98
CA PRO A 87 14.19 25.83 10.39
C PRO A 87 14.75 24.45 10.63
N MET A 88 14.37 23.52 9.77
CA MET A 88 14.81 22.15 9.81
C MET A 88 16.12 21.82 9.06
N GLY A 89 16.62 22.76 8.25
CA GLY A 89 17.77 22.50 7.42
C GLY A 89 17.57 21.35 6.45
N GLY A 90 16.43 21.28 5.77
CA GLY A 90 16.09 20.10 5.01
C GLY A 90 14.66 20.04 4.51
N TYR A 91 14.41 18.99 3.74
CA TYR A 91 13.13 18.75 3.09
C TYR A 91 12.15 18.01 4.01
N CYS A 92 10.88 18.40 3.95
CA CYS A 92 9.87 17.88 4.91
C CYS A 92 8.65 17.46 4.14
N ILE A 93 7.99 16.41 4.62
CA ILE A 93 6.73 15.96 3.99
C ILE A 93 5.57 16.26 4.91
N GLU A 94 4.60 17.04 4.42
CA GLU A 94 3.56 17.67 5.25
C GLU A 94 2.22 17.72 4.50
N PHE A 95 1.15 17.81 5.25
CA PHE A 95 -0.13 18.28 4.72
C PHE A 95 0.08 19.67 4.14
N PRO A 96 -0.57 19.99 3.02
CA PRO A 96 -0.63 21.38 2.51
C PRO A 96 -1.16 22.31 3.58
N ALA A 97 -0.58 23.49 3.65
CA ALA A 97 -0.71 24.32 4.86
C ALA A 97 -0.25 25.71 4.58
N GLY A 98 -0.91 26.67 5.24
CA GLY A 98 -0.45 28.02 5.26
C GLY A 98 -1.18 28.82 6.30
N LEU A 99 -0.68 30.03 6.49
CA LEU A 99 -1.26 30.95 7.45
C LEU A 99 -2.60 31.45 6.88
N ILE A 100 -3.50 31.84 7.76
CA ILE A 100 -4.80 32.34 7.37
C ILE A 100 -4.63 33.83 7.10
N ASP A 101 -5.01 34.35 5.93
CA ASP A 101 -4.93 35.85 5.71
C ASP A 101 -5.89 36.59 6.64
N ASP A 102 -5.66 37.88 6.92
CA ASP A 102 -6.57 38.72 7.75
C ASP A 102 -7.93 38.72 7.03
N GLY A 103 -8.97 38.37 7.75
CA GLY A 103 -10.31 38.36 7.23
C GLY A 103 -10.71 37.10 6.54
N GLU A 104 -9.76 36.19 6.37
CA GLU A 104 -10.00 34.99 5.61
C GLU A 104 -10.59 33.98 6.60
N THR A 105 -11.53 33.17 6.14
CA THR A 105 -12.03 32.04 6.92
C THR A 105 -11.01 30.84 6.87
N PRO A 106 -11.04 29.97 7.88
CA PRO A 106 -10.12 28.80 7.75
C PRO A 106 -10.47 27.95 6.50
N GLU A 107 -11.74 27.81 6.16
CA GLU A 107 -12.13 26.98 5.01
C GLU A 107 -11.56 27.54 3.70
N ALA A 108 -11.62 28.85 3.55
CA ALA A 108 -11.16 29.54 2.38
C ALA A 108 -9.64 29.44 2.30
N ALA A 109 -8.98 29.54 3.46
CA ALA A 109 -7.55 29.48 3.52
C ALA A 109 -7.09 28.10 3.08
N ALA A 110 -7.74 27.05 3.64
CA ALA A 110 -7.53 25.62 3.27
C ALA A 110 -7.63 25.37 1.78
N LEU A 111 -8.77 25.76 1.21
CA LEU A 111 -8.98 25.56 -0.21
C LEU A 111 -7.98 26.42 -1.02
N ARG A 112 -7.68 27.64 -0.57
CA ARG A 112 -6.73 28.48 -1.32
C ARG A 112 -5.33 27.86 -1.28
N GLU A 113 -4.87 27.57 -0.06
CA GLU A 113 -3.57 26.93 0.11
C GLU A 113 -3.48 25.61 -0.62
N LEU A 114 -4.52 24.79 -0.55
CA LEU A 114 -4.52 23.55 -1.32
C LEU A 114 -4.30 23.80 -2.81
N GLU A 115 -5.08 24.71 -3.39
CA GLU A 115 -4.95 25.01 -4.80
C GLU A 115 -3.58 25.60 -5.08
N GLU A 116 -3.11 26.58 -4.31
CA GLU A 116 -1.73 27.15 -4.51
C GLU A 116 -0.56 26.13 -4.47
N GLU A 117 -0.58 25.20 -3.52
CA GLU A 117 0.52 24.25 -3.28
C GLU A 117 0.47 22.94 -4.11
N THR A 118 -0.73 22.54 -4.54
CA THR A 118 -0.93 21.31 -5.27
C THR A 118 -1.60 21.46 -6.63
N GLY A 119 -2.27 22.58 -6.89
CA GLY A 119 -3.10 22.68 -8.08
C GLY A 119 -4.50 22.11 -7.97
N TYR A 120 -4.77 21.17 -7.07
CA TYR A 120 -6.14 20.69 -6.88
C TYR A 120 -7.15 21.67 -6.28
N LYS A 121 -8.37 21.63 -6.84
CA LYS A 121 -9.50 22.34 -6.30
C LYS A 121 -10.32 21.38 -5.49
N GLY A 122 -10.42 21.63 -4.20
CA GLY A 122 -11.17 20.75 -3.33
C GLY A 122 -12.54 21.24 -2.93
N ASP A 123 -13.23 20.37 -2.21
CA ASP A 123 -14.53 20.60 -1.63
C ASP A 123 -14.35 20.38 -0.14
N ILE A 124 -14.88 21.30 0.66
CA ILE A 124 -14.74 21.24 2.10
C ILE A 124 -15.48 20.01 2.60
N ALA A 125 -14.89 19.25 3.52
CA ALA A 125 -15.64 18.15 4.19
C ALA A 125 -15.90 18.49 5.64
N GLU A 126 -14.87 18.92 6.38
CA GLU A 126 -14.99 19.29 7.79
C GLU A 126 -13.83 20.20 8.19
N CYS A 127 -13.97 20.83 9.34
CA CYS A 127 -13.01 21.85 9.78
C CYS A 127 -12.92 21.75 11.26
N SER A 128 -11.71 21.50 11.76
CA SER A 128 -11.49 21.32 13.18
C SER A 128 -11.65 22.62 13.92
N PRO A 129 -11.90 22.55 15.23
CA PRO A 129 -11.48 23.68 16.08
C PRO A 129 -9.97 23.99 15.98
N ALA A 130 -9.57 25.16 16.49
CA ALA A 130 -8.19 25.54 16.53
C ALA A 130 -7.49 24.52 17.45
N VAL A 131 -6.43 23.89 16.92
CA VAL A 131 -5.64 22.92 17.70
C VAL A 131 -4.17 23.36 17.80
N CYS A 132 -3.44 22.93 18.85
CA CYS A 132 -2.10 23.52 19.14
C CYS A 132 -1.02 22.70 18.45
N MET A 133 -0.03 23.41 17.94
CA MET A 133 1.03 22.87 17.16
C MET A 133 2.14 22.30 18.03
N ASP A 134 2.46 22.97 19.12
CA ASP A 134 3.58 22.53 19.98
C ASP A 134 3.46 23.31 21.27
N PRO A 135 2.45 22.98 22.12
CA PRO A 135 2.03 23.90 23.16
C PRO A 135 2.99 24.04 24.36
N GLY A 136 3.95 23.13 24.49
CA GLY A 136 5.07 23.34 25.42
C GLY A 136 6.05 24.42 24.95
N LEU A 137 5.98 24.81 23.68
CA LEU A 137 6.91 25.72 23.05
C LEU A 137 6.26 27.00 22.54
N SER A 138 5.15 26.86 21.81
CA SER A 138 4.50 28.00 21.18
C SER A 138 3.01 28.06 21.44
N ASN A 139 2.43 29.19 21.10
CA ASN A 139 0.98 29.35 21.13
C ASN A 139 0.35 29.06 19.80
N CYS A 140 1.10 28.56 18.84
CA CYS A 140 0.62 28.43 17.47
C CYS A 140 -0.50 27.41 17.36
N THR A 141 -1.48 27.76 16.54
CA THR A 141 -2.63 26.93 16.34
C THR A 141 -2.93 26.92 14.86
N ILE A 142 -3.66 25.87 14.48
CA ILE A 142 -4.22 25.75 13.14
C ILE A 142 -5.58 25.21 13.26
N HIS A 143 -6.38 25.37 12.21
CA HIS A 143 -7.51 24.45 11.96
C HIS A 143 -7.05 23.42 10.98
N ILE A 144 -7.40 22.18 11.28
CA ILE A 144 -7.13 21.08 10.41
C ILE A 144 -8.37 20.90 9.56
N VAL A 145 -8.24 21.12 8.27
CA VAL A 145 -9.43 21.14 7.39
C VAL A 145 -9.37 19.99 6.46
N THR A 146 -10.36 19.09 6.58
CA THR A 146 -10.54 17.94 5.67
C THR A 146 -11.30 18.37 4.46
N VAL A 147 -10.77 17.98 3.28
CA VAL A 147 -11.18 18.43 2.00
C VAL A 147 -11.11 17.23 1.06
N THR A 148 -12.15 17.01 0.28
CA THR A 148 -12.16 15.97 -0.72
C THR A 148 -11.89 16.61 -2.05
N ILE A 149 -11.12 15.92 -2.87
CA ILE A 149 -10.75 16.36 -4.19
C ILE A 149 -11.38 15.35 -5.15
N ASN A 150 -12.28 15.85 -6.01
CA ASN A 150 -12.84 15.02 -7.06
C ASN A 150 -11.80 15.00 -8.16
N GLY A 151 -11.04 13.90 -8.21
CA GLY A 151 -10.06 13.69 -9.29
C GLY A 151 -10.64 13.32 -10.66
N ASP A 152 -11.92 13.00 -10.75
CA ASP A 152 -12.60 12.82 -12.06
C ASP A 152 -13.01 14.13 -12.76
N ASP A 153 -13.15 15.23 -12.02
CA ASP A 153 -13.52 16.53 -12.58
C ASP A 153 -12.34 17.04 -13.38
N ALA A 154 -12.59 17.60 -14.54
CA ALA A 154 -11.50 18.03 -15.45
C ALA A 154 -10.65 19.16 -14.83
N GLU A 155 -11.26 19.93 -13.92
CA GLU A 155 -10.56 20.98 -13.17
C GLU A 155 -9.32 20.42 -12.48
N ASN A 156 -9.39 19.15 -12.08
CA ASN A 156 -8.30 18.51 -11.36
C ASN A 156 -7.59 17.48 -12.20
N ALA A 157 -7.53 17.71 -13.51
CA ALA A 157 -6.99 16.71 -14.44
C ALA A 157 -5.48 16.83 -14.49
N ARG A 158 -4.95 17.96 -14.96
CA ARG A 158 -3.50 18.15 -15.04
C ARG A 158 -3.07 19.28 -14.09
N PRO A 159 -3.44 19.17 -12.78
CA PRO A 159 -3.41 20.26 -11.80
C PRO A 159 -2.05 20.96 -11.68
N LYS A 160 -2.02 22.29 -11.87
CA LYS A 160 -0.77 23.08 -11.88
C LYS A 160 -0.60 23.88 -10.55
N PRO A 161 0.36 23.50 -9.67
CA PRO A 161 0.66 24.36 -8.51
C PRO A 161 0.98 25.81 -8.89
N LYS A 162 0.35 26.77 -8.20
CA LYS A 162 0.60 28.21 -8.34
C LYS A 162 1.30 28.67 -7.07
N PRO A 163 2.59 28.31 -6.93
CA PRO A 163 3.28 28.70 -5.70
C PRO A 163 3.51 30.21 -5.65
N GLY A 164 3.56 30.76 -4.43
CA GLY A 164 3.83 32.20 -4.22
C GLY A 164 5.29 32.54 -4.43
N ASP A 165 5.68 33.75 -4.04
CA ASP A 165 7.08 34.20 -4.15
C ASP A 165 8.00 33.36 -3.21
N GLY A 166 9.02 32.71 -3.78
CA GLY A 166 9.92 31.87 -2.98
C GLY A 166 9.30 30.58 -2.42
N GLU A 167 8.14 30.18 -2.94
CA GLU A 167 7.47 28.95 -2.55
C GLU A 167 7.83 27.96 -3.62
N PHE A 168 8.25 26.75 -3.23
CA PHE A 168 8.65 25.72 -4.19
C PHE A 168 8.27 24.35 -3.66
N VAL A 169 7.19 23.79 -4.18
CA VAL A 169 6.53 22.65 -3.57
C VAL A 169 6.39 21.52 -4.57
N GLU A 170 6.74 20.30 -4.15
CA GLU A 170 6.46 19.06 -4.89
C GLU A 170 5.26 18.35 -4.27
N VAL A 171 4.41 17.75 -5.10
CA VAL A 171 3.23 17.05 -4.62
C VAL A 171 3.47 15.55 -4.58
N ILE A 172 3.03 14.93 -3.51
CA ILE A 172 3.20 13.50 -3.35
C ILE A 172 1.86 13.00 -2.88
N SER A 173 1.22 12.20 -3.73
CA SER A 173 -0.07 11.62 -3.43
C SER A 173 0.14 10.16 -3.16
N LEU A 174 -0.26 9.72 -1.97
CA LEU A 174 -0.02 8.38 -1.50
C LEU A 174 -1.32 7.71 -1.12
N PRO A 175 -1.48 6.41 -1.45
CA PRO A 175 -2.66 5.64 -1.05
C PRO A 175 -2.93 5.67 0.42
N LYS A 176 -4.15 6.04 0.77
CA LYS A 176 -4.59 6.09 2.16
C LYS A 176 -4.48 4.73 2.82
N ASN A 177 -4.70 3.67 2.02
CA ASN A 177 -4.70 2.31 2.53
C ASN A 177 -3.29 1.76 2.75
N ASP A 178 -2.27 2.52 2.40
CA ASP A 178 -0.88 2.08 2.61
C ASP A 178 -0.01 3.28 3.00
N LEU A 179 -0.59 4.26 3.71
CA LEU A 179 0.06 5.55 3.84
C LEU A 179 1.37 5.43 4.66
N LEU A 180 1.30 4.74 5.75
CA LEU A 180 2.44 4.68 6.66
C LEU A 180 3.63 3.97 6.01
N GLN A 181 3.36 2.87 5.30
CA GLN A 181 4.45 2.14 4.63
C GLN A 181 5.03 2.96 3.52
N ARG A 182 4.18 3.78 2.90
CA ARG A 182 4.61 4.55 1.80
C ARG A 182 5.47 5.72 2.24
N LEU A 183 5.13 6.30 3.39
CA LEU A 183 5.94 7.27 4.11
C LEU A 183 7.29 6.68 4.61
N ASP A 184 7.23 5.58 5.35
CA ASP A 184 8.45 4.81 5.79
C ASP A 184 9.33 4.53 4.55
N ALA A 185 8.74 4.13 3.45
CA ALA A 185 9.56 3.88 2.26
C ALA A 185 10.29 5.14 1.77
N LEU A 186 9.58 6.28 1.72
CA LEU A 186 10.19 7.52 1.25
C LEU A 186 11.33 8.01 2.17
N VAL A 187 11.17 7.82 3.47
CA VAL A 187 12.17 8.20 4.47
C VAL A 187 13.38 7.25 4.38
N ALA A 188 13.13 5.99 4.03
CA ALA A 188 14.23 5.03 3.82
C ALA A 188 15.08 5.36 2.57
N GLU A 189 14.52 6.07 1.59
CA GLU A 189 15.15 6.27 0.28
C GLU A 189 15.80 7.66 -0.02
N GLU A 190 15.42 8.69 0.74
CA GLU A 190 16.10 9.99 0.74
C GLU A 190 16.21 10.53 2.17
N HIS A 191 16.98 11.60 2.34
CA HIS A 191 17.02 12.30 3.62
C HIS A 191 15.90 13.34 3.68
N LEU A 192 14.87 13.04 4.45
CA LEU A 192 13.78 13.97 4.67
C LEU A 192 13.02 13.61 5.92
N THR A 193 12.23 14.55 6.41
CA THR A 193 11.46 14.41 7.66
C THR A 193 9.95 14.42 7.32
N VAL A 194 9.23 13.49 7.93
CA VAL A 194 7.79 13.45 7.82
C VAL A 194 7.31 14.29 8.98
N ASP A 195 6.27 15.07 8.73
CA ASP A 195 5.65 15.88 9.75
C ASP A 195 4.92 15.05 10.79
N ALA A 196 4.93 15.51 12.02
CA ALA A 196 4.25 14.71 13.07
C ALA A 196 2.75 14.50 12.92
N ARG A 197 2.07 15.44 12.29
CA ARG A 197 0.62 15.29 12.05
C ARG A 197 0.35 14.27 10.95
N VAL A 198 1.10 14.40 9.84
CA VAL A 198 1.14 13.36 8.83
C VAL A 198 1.41 11.97 9.44
N TYR A 199 2.41 11.83 10.30
CA TYR A 199 2.75 10.50 10.85
C TYR A 199 1.65 10.00 11.73
N SER A 200 1.09 10.89 12.54
CA SER A 200 0.02 10.52 13.46
C SER A 200 -1.22 10.03 12.74
N TYR A 201 -1.56 10.70 11.66
CA TYR A 201 -2.71 10.34 10.82
C TYR A 201 -2.46 8.98 10.12
N ALA A 202 -1.32 8.82 9.45
CA ALA A 202 -0.89 7.47 8.96
C ALA A 202 -0.84 6.33 10.01
N LEU A 203 -0.31 6.59 11.18
CA LEU A 203 -0.45 5.64 12.30
C LEU A 203 -1.90 5.22 12.60
N ALA A 204 -2.79 6.21 12.79
CA ALA A 204 -4.19 5.88 13.07
C ALA A 204 -4.84 5.11 11.93
N LEU A 205 -4.52 5.43 10.67
CA LEU A 205 -5.00 4.64 9.56
C LEU A 205 -4.60 3.16 9.77
N LYS A 206 -3.35 2.92 10.12
CA LYS A 206 -2.90 1.60 10.50
C LYS A 206 -3.63 1.04 11.71
N HIS A 207 -3.79 1.81 12.80
CA HIS A 207 -4.41 1.27 14.02
C HIS A 207 -5.92 0.97 13.96
N ALA A 208 -6.66 1.59 13.04
CA ALA A 208 -8.12 1.44 12.99
C ALA A 208 -8.56 0.03 12.57
N LYS B 15 18.86 20.76 -3.97
CA LYS B 15 18.76 22.09 -4.65
C LYS B 15 18.87 23.22 -3.63
N GLN B 16 18.15 23.11 -2.51
CA GLN B 16 18.14 24.16 -1.45
C GLN B 16 18.92 23.72 -0.24
N TYR B 17 19.42 24.69 0.54
CA TYR B 17 20.29 24.36 1.66
C TYR B 17 20.57 25.57 2.54
N ILE B 18 21.15 25.32 3.70
CA ILE B 18 21.45 26.37 4.65
C ILE B 18 22.83 26.98 4.31
N ILE B 19 22.90 28.30 4.22
CA ILE B 19 24.12 29.01 4.01
C ILE B 19 24.68 29.33 5.39
N SER B 20 23.90 30.04 6.23
CA SER B 20 24.32 30.41 7.62
C SER B 20 23.17 30.67 8.59
N GLU B 21 23.52 30.65 9.87
CA GLU B 21 22.59 30.85 10.96
C GLU B 21 23.10 31.93 11.91
N GLU B 22 22.32 32.98 12.10
CA GLU B 22 22.70 34.03 13.03
C GLU B 22 21.87 33.90 14.28
N LEU B 23 22.49 33.68 15.42
CA LEU B 23 21.77 33.88 16.68
C LEU B 23 21.13 35.26 16.77
N ILE B 24 19.86 35.30 17.15
CA ILE B 24 19.18 36.56 17.48
C ILE B 24 19.03 36.66 18.98
N SER B 25 18.59 35.58 19.64
CA SER B 25 18.25 35.61 21.05
C SER B 25 18.29 34.20 21.61
N GLU B 26 18.98 33.97 22.72
CA GLU B 26 19.04 32.67 23.37
C GLU B 26 18.56 32.75 24.80
N GLY B 27 17.52 31.97 25.11
CA GLY B 27 17.06 31.79 26.48
C GLY B 27 17.65 30.54 27.10
N LYS B 28 17.12 30.16 28.24
CA LYS B 28 17.51 28.92 28.91
C LYS B 28 17.07 27.72 28.09
N TRP B 29 15.92 27.84 27.43
CA TRP B 29 15.21 26.70 26.84
C TRP B 29 15.05 26.78 25.30
N VAL B 30 15.14 27.97 24.73
CA VAL B 30 14.70 28.22 23.36
C VAL B 30 15.54 29.36 22.85
N LYS B 31 15.97 29.28 21.61
CA LYS B 31 16.61 30.39 20.91
C LYS B 31 15.90 30.74 19.60
N LEU B 32 16.14 31.95 19.12
CA LEU B 32 15.57 32.45 17.90
C LEU B 32 16.72 32.79 16.96
N GLU B 33 16.72 32.22 15.77
CA GLU B 33 17.81 32.43 14.78
C GLU B 33 17.28 33.05 13.49
N LYS B 34 18.15 33.77 12.79
CA LYS B 34 17.90 34.17 11.41
C LYS B 34 18.69 33.21 10.56
N THR B 35 17.98 32.46 9.73
CA THR B 35 18.54 31.46 8.82
C THR B 35 18.63 32.01 7.41
N THR B 36 19.86 31.96 6.89
CA THR B 36 20.09 32.37 5.54
C THR B 36 20.19 31.07 4.73
N TYR B 37 19.40 30.99 3.65
CA TYR B 37 19.32 29.79 2.83
C TYR B 37 19.23 30.14 1.37
N MET B 38 19.62 29.17 0.54
CA MET B 38 19.65 29.33 -0.91
C MET B 38 18.36 28.77 -1.47
N ASP B 39 17.57 29.64 -2.05
CA ASP B 39 16.35 29.20 -2.70
C ASP B 39 16.72 28.53 -4.02
N PRO B 40 15.80 27.72 -4.55
CA PRO B 40 16.12 26.89 -5.70
C PRO B 40 16.39 27.65 -7.01
N THR B 41 15.95 28.91 -7.12
CA THR B 41 16.32 29.77 -8.28
C THR B 41 17.76 30.33 -8.25
N GLY B 42 18.54 30.09 -7.19
CA GLY B 42 19.87 30.74 -6.98
C GLY B 42 19.83 32.04 -6.14
N LYS B 43 18.64 32.43 -5.67
CA LYS B 43 18.46 33.61 -4.83
C LYS B 43 18.63 33.29 -3.34
N THR B 44 19.42 34.13 -2.66
CA THR B 44 19.59 34.06 -1.22
C THR B 44 18.39 34.67 -0.50
N ARG B 45 17.95 34.00 0.55
CA ARG B 45 16.72 34.37 1.28
C ARG B 45 16.94 34.07 2.74
N THR B 46 16.17 34.77 3.58
CA THR B 46 16.24 34.61 5.03
C THR B 46 14.94 34.07 5.66
N TRP B 47 15.11 33.37 6.76
CA TRP B 47 14.00 32.74 7.53
C TRP B 47 14.22 32.91 9.01
N GLU B 48 13.17 33.28 9.73
CA GLU B 48 13.25 33.31 11.20
C GLU B 48 12.85 31.92 11.76
N SER B 49 13.77 31.31 12.49
CA SER B 49 13.69 29.95 12.96
C SER B 49 13.86 29.82 14.48
N VAL B 50 13.08 28.92 15.09
CA VAL B 50 13.18 28.68 16.55
C VAL B 50 13.84 27.34 16.77
N LYS B 51 14.83 27.25 17.64
CA LYS B 51 15.33 25.95 18.11
C LYS B 51 15.29 25.85 19.62
N ARG B 52 15.13 24.63 20.12
CA ARG B 52 15.39 24.40 21.55
C ARG B 52 16.90 24.42 21.81
N THR B 53 17.29 24.79 23.02
CA THR B 53 18.70 24.75 23.47
C THR B 53 19.07 23.43 24.20
N THR B 54 18.13 22.49 24.28
CA THR B 54 18.24 21.28 25.12
C THR B 54 18.68 20.01 24.36
N ARG B 55 18.75 20.03 23.03
CA ARG B 55 18.99 18.80 22.26
C ARG B 55 20.48 18.44 22.25
N LYS B 56 20.84 17.15 22.25
CA LYS B 56 22.28 16.74 22.13
C LYS B 56 22.85 17.10 20.73
N GLN B 58 21.18 13.25 20.73
CA GLN B 58 19.75 12.91 20.67
C GLN B 58 19.29 12.72 19.22
N THR B 59 18.36 11.78 19.06
CA THR B 59 17.68 11.50 17.78
C THR B 59 16.62 12.54 17.43
N ALA B 60 16.21 13.29 18.46
CA ALA B 60 15.06 14.16 18.42
C ALA B 60 15.00 14.84 19.78
N ASP B 61 14.25 15.94 19.86
CA ASP B 61 14.10 16.64 21.12
C ASP B 61 13.30 15.81 22.13
N GLY B 62 12.22 15.18 21.67
CA GLY B 62 11.22 14.60 22.55
C GLY B 62 10.59 13.32 22.03
N VAL B 63 9.67 12.83 22.85
CA VAL B 63 8.83 11.71 22.53
C VAL B 63 7.39 12.13 22.84
N ALA B 64 6.46 11.60 22.06
CA ALA B 64 5.03 11.67 22.35
C ALA B 64 4.54 10.23 22.39
N VAL B 65 3.75 9.88 23.37
CA VAL B 65 3.30 8.51 23.49
C VAL B 65 1.83 8.36 23.12
N ILE B 66 1.59 7.54 22.11
CA ILE B 66 0.27 7.05 21.83
C ILE B 66 -0.04 5.83 22.71
N PRO B 67 -0.74 6.05 23.85
CA PRO B 67 -0.93 4.95 24.81
C PRO B 67 -2.31 4.30 24.66
N VAL B 68 -2.31 3.06 24.21
CA VAL B 68 -3.51 2.34 23.95
C VAL B 68 -3.83 1.47 25.18
N LEU B 69 -4.81 1.92 25.96
CA LEU B 69 -5.22 1.23 27.18
C LEU B 69 -6.20 0.09 26.84
N GLN B 70 -5.75 -1.13 27.10
CA GLN B 70 -6.49 -2.31 26.71
C GLN B 70 -6.96 -3.01 27.93
N ARG B 71 -8.27 -2.99 28.18
CA ARG B 71 -8.89 -3.76 29.24
C ARG B 71 -9.94 -4.70 28.62
N THR B 72 -9.91 -5.95 29.03
CA THR B 72 -10.96 -6.86 28.55
C THR B 72 -12.39 -6.44 28.95
N LEU B 73 -13.32 -6.62 28.01
CA LEU B 73 -14.73 -6.24 28.22
C LEU B 73 -15.02 -4.74 28.30
N HIS B 74 -14.05 -3.96 27.84
CA HIS B 74 -14.08 -2.50 27.87
C HIS B 74 -13.69 -2.06 26.48
N TYR B 75 -14.15 -0.88 26.08
CA TYR B 75 -13.62 -0.27 24.84
C TYR B 75 -12.15 0.01 25.06
N GLU B 76 -11.32 -0.24 24.05
CA GLU B 76 -9.93 0.26 24.00
C GLU B 76 -9.99 1.73 24.08
N CYS B 77 -9.14 2.29 24.93
CA CYS B 77 -8.99 3.74 25.11
C CYS B 77 -7.61 4.25 24.73
N ILE B 78 -7.59 5.54 24.39
CA ILE B 78 -6.33 6.24 24.16
C ILE B 78 -6.24 7.10 25.37
N VAL B 79 -5.10 7.00 26.05
CA VAL B 79 -4.79 7.77 27.27
C VAL B 79 -4.17 9.15 26.89
N LEU B 80 -4.75 10.25 27.37
CA LEU B 80 -4.25 11.60 27.09
C LEU B 80 -4.06 12.35 28.37
N VAL B 81 -3.28 13.41 28.32
CA VAL B 81 -3.07 14.27 29.47
C VAL B 81 -3.54 15.68 29.16
N LYS B 82 -4.13 16.31 30.17
CA LYS B 82 -4.51 17.72 30.19
C LYS B 82 -3.54 18.46 31.15
N GLN B 83 -2.94 19.54 30.66
CA GLN B 83 -1.91 20.34 31.37
C GLN B 83 -2.13 21.79 31.02
N PHE B 84 -1.69 22.68 31.91
CA PHE B 84 -1.77 24.12 31.66
C PHE B 84 -0.55 24.34 30.85
N ARG B 85 -0.72 24.99 29.70
CA ARG B 85 0.45 25.24 28.85
C ARG B 85 0.74 26.72 28.78
N PRO B 86 1.80 27.16 29.45
CA PRO B 86 2.01 28.62 29.51
C PRO B 86 2.02 29.35 28.19
N PRO B 87 2.69 28.80 27.16
CA PRO B 87 2.64 29.50 25.90
C PRO B 87 1.26 29.59 25.36
N MET B 88 0.40 28.60 25.65
CA MET B 88 -0.94 28.62 25.13
C MET B 88 -1.84 29.51 25.98
N GLY B 89 -1.44 29.76 27.22
CA GLY B 89 -2.24 30.52 28.16
C GLY B 89 -3.54 29.81 28.48
N GLY B 90 -3.54 28.48 28.39
CA GLY B 90 -4.75 27.68 28.63
C GLY B 90 -4.40 26.23 28.84
N TYR B 91 -5.43 25.44 29.13
CA TYR B 91 -5.27 24.01 29.24
C TYR B 91 -5.37 23.35 27.86
N CYS B 92 -4.46 22.39 27.60
CA CYS B 92 -4.41 21.57 26.41
C CYS B 92 -4.55 20.09 26.70
N ILE B 93 -5.11 19.36 25.75
CA ILE B 93 -5.18 17.90 25.80
C ILE B 93 -4.18 17.35 24.77
N GLU B 94 -3.32 16.43 25.21
CA GLU B 94 -2.15 16.00 24.47
C GLU B 94 -1.86 14.54 24.74
N PHE B 95 -1.08 13.95 23.87
CA PHE B 95 -0.44 12.64 24.12
C PHE B 95 0.59 12.85 25.19
N PRO B 96 0.67 11.97 26.17
CA PRO B 96 1.86 12.03 27.06
C PRO B 96 3.16 12.21 26.30
N ALA B 97 4.05 13.02 26.83
CA ALA B 97 5.20 13.49 26.09
C ALA B 97 6.21 14.18 27.00
N GLY B 98 7.46 13.96 26.73
CA GLY B 98 8.47 14.88 27.22
C GLY B 98 9.74 14.77 26.40
N LEU B 99 10.73 15.52 26.87
CA LEU B 99 12.04 15.56 26.27
C LEU B 99 12.76 14.28 26.66
N ILE B 100 13.61 13.84 25.75
CA ILE B 100 14.42 12.66 25.89
C ILE B 100 15.64 13.12 26.70
N ASP B 101 15.91 12.46 27.82
CA ASP B 101 17.11 12.75 28.64
C ASP B 101 18.37 12.40 27.83
N ASP B 102 19.42 13.22 27.89
CA ASP B 102 20.68 12.85 27.19
C ASP B 102 21.13 11.43 27.64
N GLY B 103 21.52 10.58 26.70
CA GLY B 103 21.84 9.19 27.01
C GLY B 103 20.65 8.26 27.25
N GLU B 104 19.47 8.65 26.73
CA GLU B 104 18.22 7.87 26.87
C GLU B 104 17.73 7.51 25.48
N THR B 105 17.28 6.27 25.31
CA THR B 105 16.64 5.86 24.06
C THR B 105 15.22 6.46 23.92
N PRO B 106 14.77 6.70 22.66
CA PRO B 106 13.37 7.16 22.52
C PRO B 106 12.32 6.23 23.18
N GLU B 107 12.49 4.93 23.03
CA GLU B 107 11.60 3.95 23.69
C GLU B 107 11.51 4.13 25.20
N ALA B 108 12.65 4.33 25.85
CA ALA B 108 12.72 4.29 27.29
C ALA B 108 12.19 5.60 27.82
N ALA B 109 12.50 6.67 27.10
CA ALA B 109 11.88 7.98 27.32
C ALA B 109 10.36 7.92 27.29
N ALA B 110 9.84 7.20 26.28
CA ALA B 110 8.38 6.95 26.15
C ALA B 110 7.75 6.28 27.37
N LEU B 111 8.36 5.18 27.83
CA LEU B 111 7.82 4.48 29.01
C LEU B 111 7.97 5.31 30.27
N ARG B 112 9.10 5.98 30.40
CA ARG B 112 9.37 6.81 31.55
C ARG B 112 8.28 7.90 31.60
N GLU B 113 8.15 8.63 30.49
CA GLU B 113 7.19 9.75 30.40
C GLU B 113 5.81 9.28 30.62
N LEU B 114 5.46 8.17 30.02
CA LEU B 114 4.14 7.60 30.18
C LEU B 114 3.85 7.27 31.62
N GLU B 115 4.84 6.73 32.33
CA GLU B 115 4.68 6.46 33.74
C GLU B 115 4.65 7.72 34.60
N GLU B 116 5.53 8.69 34.34
CA GLU B 116 5.51 9.92 35.14
C GLU B 116 4.17 10.65 34.97
N GLU B 117 3.73 10.74 33.72
CA GLU B 117 2.55 11.53 33.41
C GLU B 117 1.26 10.80 33.79
N THR B 118 1.20 9.50 33.59
CA THR B 118 -0.08 8.76 33.76
C THR B 118 -0.09 7.69 34.85
N GLY B 119 1.08 7.32 35.35
CA GLY B 119 1.23 6.18 36.21
C GLY B 119 1.18 4.82 35.52
N TYR B 120 0.90 4.77 34.21
CA TYR B 120 0.77 3.49 33.54
C TYR B 120 2.12 2.96 33.07
N LYS B 121 2.22 1.62 33.07
CA LYS B 121 3.39 0.86 32.70
C LYS B 121 3.01 0.14 31.45
N GLY B 122 3.65 0.49 30.34
CA GLY B 122 3.24 0.00 29.07
C GLY B 122 4.32 -0.83 28.44
N ASP B 123 4.03 -1.29 27.23
CA ASP B 123 4.97 -2.03 26.39
C ASP B 123 5.05 -1.35 25.02
N ILE B 124 6.26 -1.23 24.47
CA ILE B 124 6.43 -0.55 23.17
C ILE B 124 5.80 -1.43 22.09
N ALA B 125 4.95 -0.88 21.23
CA ALA B 125 4.49 -1.56 20.00
C ALA B 125 5.33 -1.18 18.79
N GLU B 126 5.59 0.11 18.63
CA GLU B 126 6.37 0.59 17.50
C GLU B 126 6.84 2.02 17.86
N CYS B 127 7.79 2.53 17.07
CA CYS B 127 8.43 3.81 17.33
C CYS B 127 8.75 4.44 15.97
N SER B 128 8.32 5.69 15.79
CA SER B 128 8.50 6.41 14.53
C SER B 128 9.93 6.89 14.36
N PRO B 129 10.33 7.21 13.13
CA PRO B 129 11.47 8.09 12.96
C PRO B 129 11.22 9.49 13.54
N ALA B 130 12.27 10.25 13.73
CA ALA B 130 12.10 11.60 14.16
C ALA B 130 11.14 12.31 13.16
N VAL B 131 10.12 12.96 13.69
CA VAL B 131 9.12 13.69 12.88
C VAL B 131 9.06 15.09 13.37
N CYS B 132 8.81 16.03 12.47
CA CYS B 132 8.86 17.41 12.83
C CYS B 132 7.54 17.95 13.40
N MET B 133 7.67 18.88 14.35
CA MET B 133 6.53 19.42 15.07
C MET B 133 5.87 20.61 14.41
N ASP B 134 6.67 21.55 13.87
CA ASP B 134 6.15 22.69 13.15
C ASP B 134 7.26 23.21 12.24
N PRO B 135 7.48 22.57 11.09
CA PRO B 135 8.81 22.78 10.44
C PRO B 135 9.00 24.18 9.79
N GLY B 136 7.90 24.90 9.57
CA GLY B 136 7.89 26.27 9.16
C GLY B 136 8.30 27.24 10.25
N LEU B 137 8.26 26.83 11.50
CA LEU B 137 8.69 27.69 12.58
C LEU B 137 9.95 27.18 13.28
N SER B 138 10.00 25.88 13.62
CA SER B 138 11.04 25.33 14.50
C SER B 138 11.72 24.16 13.86
N ASN B 139 12.81 23.71 14.44
CA ASN B 139 13.47 22.46 14.07
C ASN B 139 13.05 21.35 15.02
N CYS B 140 12.04 21.58 15.87
CA CYS B 140 11.69 20.62 16.91
C CYS B 140 11.18 19.34 16.30
N THR B 141 11.69 18.22 16.83
CA THR B 141 11.28 16.92 16.37
C THR B 141 11.01 15.99 17.55
N ILE B 142 10.26 14.92 17.26
CA ILE B 142 9.91 13.90 18.24
C ILE B 142 9.90 12.54 17.61
N HIS B 143 9.96 11.51 18.45
CA HIS B 143 9.56 10.16 18.09
C HIS B 143 8.19 9.95 18.63
N ILE B 144 7.30 9.46 17.78
CA ILE B 144 5.98 9.08 18.20
C ILE B 144 6.08 7.60 18.51
N VAL B 145 5.69 7.27 19.74
CA VAL B 145 5.90 5.93 20.28
C VAL B 145 4.54 5.37 20.67
N THR B 146 4.13 4.33 19.95
CA THR B 146 2.91 3.59 20.20
C THR B 146 3.22 2.56 21.29
N VAL B 147 2.48 2.68 22.39
CA VAL B 147 2.60 1.82 23.52
C VAL B 147 1.22 1.23 23.78
N THR B 148 1.18 -0.05 24.15
CA THR B 148 -0.03 -0.73 24.65
C THR B 148 0.06 -0.80 26.17
N ILE B 149 -1.06 -0.60 26.85
CA ILE B 149 -1.07 -0.73 28.31
C ILE B 149 -2.01 -1.88 28.72
N ASN B 150 -1.48 -2.88 29.42
CA ASN B 150 -2.31 -3.98 29.86
C ASN B 150 -3.03 -3.52 31.09
N GLY B 151 -4.24 -3.02 30.86
CA GLY B 151 -5.06 -2.46 31.91
C GLY B 151 -5.55 -3.51 32.91
N ASP B 152 -5.43 -4.80 32.61
CA ASP B 152 -5.85 -5.83 33.57
C ASP B 152 -4.69 -6.30 34.46
N ASP B 153 -3.50 -5.71 34.31
CA ASP B 153 -2.31 -6.10 35.09
C ASP B 153 -2.44 -5.44 36.44
N ALA B 154 -1.90 -6.09 37.48
CA ALA B 154 -1.92 -5.50 38.82
C ALA B 154 -1.15 -4.17 38.88
N GLU B 155 -0.13 -4.00 38.05
CA GLU B 155 0.66 -2.76 38.12
C GLU B 155 -0.09 -1.52 37.63
N ASN B 156 -1.12 -1.75 36.81
CA ASN B 156 -1.92 -0.68 36.22
C ASN B 156 -3.29 -0.60 36.85
N ALA B 157 -3.48 -1.29 37.98
CA ALA B 157 -4.77 -1.24 38.67
C ALA B 157 -5.04 0.14 39.21
N ARG B 158 -4.12 0.66 39.99
CA ARG B 158 -4.25 2.00 40.59
C ARG B 158 -2.99 2.77 40.17
N PRO B 159 -3.00 3.31 38.93
CA PRO B 159 -1.74 3.80 38.33
C PRO B 159 -1.18 5.01 39.10
N LYS B 160 0.09 4.93 39.52
CA LYS B 160 0.71 5.95 40.40
C LYS B 160 1.48 7.05 39.60
N PRO B 161 0.82 8.21 39.28
CA PRO B 161 1.51 9.21 38.43
C PRO B 161 2.60 9.98 39.20
N LYS B 162 3.82 10.04 38.67
CA LYS B 162 4.92 10.82 39.29
C LYS B 162 5.18 12.20 38.61
N PRO B 163 4.45 13.26 39.02
CA PRO B 163 4.83 14.60 38.55
C PRO B 163 6.23 15.00 39.01
N GLY B 164 7.15 15.20 38.07
CA GLY B 164 8.40 15.94 38.35
C GLY B 164 8.14 17.37 38.86
N ASP B 165 9.22 18.11 39.13
CA ASP B 165 9.09 19.50 39.60
C ASP B 165 8.30 20.34 38.58
N GLY B 166 7.23 20.99 39.05
CA GLY B 166 6.47 21.94 38.23
C GLY B 166 5.57 21.35 37.15
N GLU B 167 5.24 20.06 37.26
CA GLU B 167 4.30 19.40 36.35
C GLU B 167 3.04 19.11 37.12
N PHE B 168 1.92 19.34 36.45
CA PHE B 168 0.61 19.22 37.05
C PHE B 168 -0.30 18.74 35.91
N VAL B 169 -0.68 17.46 35.99
CA VAL B 169 -1.14 16.69 34.83
C VAL B 169 -2.40 15.92 35.23
N GLU B 170 -3.53 16.14 34.53
CA GLU B 170 -4.75 15.34 34.67
C GLU B 170 -4.74 14.30 33.54
N VAL B 171 -5.20 13.09 33.86
CA VAL B 171 -5.25 12.02 32.87
C VAL B 171 -6.68 11.91 32.35
N ILE B 172 -6.82 11.82 31.04
CA ILE B 172 -8.14 11.62 30.39
C ILE B 172 -8.02 10.47 29.40
N SER B 173 -8.71 9.36 29.69
CA SER B 173 -8.80 8.21 28.81
C SER B 173 -10.10 8.25 28.05
N LEU B 174 -10.02 8.08 26.74
CA LEU B 174 -11.15 8.20 25.86
C LEU B 174 -11.20 7.00 24.95
N PRO B 175 -12.42 6.52 24.64
CA PRO B 175 -12.54 5.38 23.77
C PRO B 175 -11.98 5.65 22.41
N LYS B 176 -11.11 4.77 21.95
CA LYS B 176 -10.51 4.89 20.64
C LYS B 176 -11.53 4.92 19.48
N ASN B 177 -12.64 4.15 19.58
CA ASN B 177 -13.60 4.06 18.45
C ASN B 177 -14.58 5.26 18.32
N ASP B 178 -14.61 6.14 19.32
CA ASP B 178 -15.33 7.42 19.25
C ASP B 178 -14.41 8.64 19.55
N LEU B 179 -13.10 8.53 19.32
CA LEU B 179 -12.16 9.53 19.88
C LEU B 179 -12.44 10.92 19.34
N LEU B 180 -12.57 11.08 18.03
CA LEU B 180 -12.79 12.41 17.47
C LEU B 180 -14.05 13.09 18.05
N GLN B 181 -15.17 12.38 18.15
CA GLN B 181 -16.42 12.95 18.75
C GLN B 181 -16.21 13.30 20.21
N ARG B 182 -15.52 12.46 20.95
CA ARG B 182 -15.26 12.77 22.34
C ARG B 182 -14.34 14.00 22.59
N LEU B 183 -13.36 14.19 21.74
CA LEU B 183 -12.49 15.33 21.82
C LEU B 183 -13.26 16.60 21.49
N ASP B 184 -14.12 16.52 20.49
CA ASP B 184 -14.97 17.69 20.11
C ASP B 184 -15.90 18.07 21.27
N ALA B 185 -16.43 17.08 21.97
CA ALA B 185 -17.26 17.33 23.14
C ALA B 185 -16.50 18.13 24.21
N LEU B 186 -15.33 17.61 24.62
CA LEU B 186 -14.47 18.31 25.56
C LEU B 186 -14.17 19.74 25.13
N VAL B 187 -13.79 19.95 23.88
CA VAL B 187 -13.52 21.33 23.42
C VAL B 187 -14.80 22.18 23.55
N ALA B 188 -15.92 21.64 23.09
CA ALA B 188 -17.20 22.33 23.19
C ALA B 188 -17.58 22.66 24.62
N GLU B 189 -17.37 21.74 25.54
CA GLU B 189 -17.88 21.89 26.90
C GLU B 189 -16.90 22.60 27.84
N GLU B 190 -15.60 22.39 27.62
CA GLU B 190 -14.55 22.66 28.65
C GLU B 190 -13.51 23.75 28.28
N HIS B 191 -13.65 24.39 27.12
CA HIS B 191 -12.65 25.39 26.59
C HIS B 191 -11.17 24.94 26.76
N LEU B 192 -10.89 23.74 26.29
CA LEU B 192 -9.55 23.18 26.16
C LEU B 192 -9.10 23.29 24.69
N THR B 193 -7.82 23.25 24.46
CA THR B 193 -7.29 23.16 23.11
C THR B 193 -6.73 21.77 22.90
N VAL B 194 -7.14 21.12 21.81
CA VAL B 194 -6.65 19.79 21.52
C VAL B 194 -5.40 19.95 20.74
N ASP B 195 -4.40 19.14 21.06
CA ASP B 195 -3.17 19.04 20.32
C ASP B 195 -3.38 18.59 18.93
N ALA B 196 -2.55 19.09 18.01
CA ALA B 196 -2.76 18.80 16.56
C ALA B 196 -2.52 17.34 16.17
N ARG B 197 -1.47 16.76 16.74
CA ARG B 197 -1.17 15.40 16.53
C ARG B 197 -2.30 14.50 17.05
N VAL B 198 -2.87 14.81 18.22
CA VAL B 198 -3.97 14.05 18.75
C VAL B 198 -5.19 14.18 17.85
N TYR B 199 -5.49 15.39 17.40
CA TYR B 199 -6.63 15.55 16.48
C TYR B 199 -6.41 14.83 15.13
N SER B 200 -5.19 14.84 14.61
CA SER B 200 -4.87 14.14 13.35
C SER B 200 -5.05 12.65 13.41
N TYR B 201 -4.66 12.07 14.53
CA TYR B 201 -4.85 10.66 14.81
C TYR B 201 -6.35 10.37 14.93
N ALA B 202 -7.10 11.17 15.70
CA ALA B 202 -8.54 11.03 15.88
C ALA B 202 -9.32 11.11 14.58
N LEU B 203 -8.92 12.04 13.70
CA LEU B 203 -9.45 12.15 12.33
C LEU B 203 -9.19 10.90 11.47
N ALA B 204 -7.96 10.43 11.46
CA ALA B 204 -7.61 9.23 10.68
C ALA B 204 -8.42 8.03 11.18
N LEU B 205 -8.65 7.91 12.50
CA LEU B 205 -9.50 6.80 13.01
C LEU B 205 -10.87 6.88 12.31
N LYS B 206 -11.42 8.07 12.17
CA LYS B 206 -12.74 8.21 11.50
C LYS B 206 -12.58 8.01 10.00
N HIS B 207 -11.53 8.55 9.42
CA HIS B 207 -11.31 8.43 7.97
C HIS B 207 -10.93 7.02 7.39
N ALA B 208 -10.46 6.11 8.24
CA ALA B 208 -10.09 4.75 7.82
C ALA B 208 -11.31 3.98 7.32
N ASN B 209 -12.46 4.26 7.95
CA ASN B 209 -13.80 4.03 7.38
C ASN B 209 -14.14 5.19 6.42
N GLN C 16 -18.17 -0.10 -16.14
CA GLN C 16 -18.85 -1.44 -16.09
C GLN C 16 -18.88 -1.90 -14.64
N TYR C 17 -19.93 -2.61 -14.24
CA TYR C 17 -19.99 -3.20 -12.91
C TYR C 17 -20.91 -4.41 -12.89
N ILE C 18 -20.77 -5.21 -11.83
CA ILE C 18 -21.52 -6.43 -11.65
C ILE C 18 -22.89 -6.08 -11.05
N ILE C 19 -23.95 -6.48 -11.77
CA ILE C 19 -25.36 -6.28 -11.38
C ILE C 19 -25.84 -7.47 -10.50
N SER C 20 -25.58 -8.71 -10.92
CA SER C 20 -26.10 -9.86 -10.17
C SER C 20 -25.33 -11.14 -10.42
N GLU C 21 -25.05 -11.84 -9.32
CA GLU C 21 -24.48 -13.18 -9.32
C GLU C 21 -25.63 -14.14 -9.08
N GLU C 22 -25.95 -14.96 -10.10
CA GLU C 22 -27.05 -15.95 -10.07
C GLU C 22 -26.50 -17.38 -10.08
N LEU C 23 -26.91 -18.21 -9.09
CA LEU C 23 -26.27 -19.51 -8.81
C LEU C 23 -26.78 -20.77 -9.55
N ILE C 24 -26.05 -21.21 -10.60
CA ILE C 24 -26.41 -22.39 -11.45
C ILE C 24 -26.10 -23.79 -10.90
N SER C 25 -25.11 -23.96 -10.00
CA SER C 25 -24.80 -25.28 -9.36
C SER C 25 -23.66 -25.24 -8.33
N GLU C 26 -23.79 -25.96 -7.20
CA GLU C 26 -22.83 -25.85 -6.09
C GLU C 26 -22.35 -27.19 -5.60
N GLY C 27 -21.14 -27.58 -6.03
CA GLY C 27 -20.49 -28.80 -5.53
C GLY C 27 -19.83 -28.54 -4.20
N LYS C 28 -19.13 -29.55 -3.68
CA LYS C 28 -18.27 -29.39 -2.50
C LYS C 28 -17.14 -28.37 -2.71
N TRP C 29 -16.50 -28.43 -3.89
CA TRP C 29 -15.27 -27.67 -4.17
C TRP C 29 -15.41 -26.49 -5.11
N VAL C 30 -16.37 -26.53 -6.05
CA VAL C 30 -16.53 -25.48 -7.09
C VAL C 30 -18.02 -25.16 -7.36
N LYS C 31 -18.30 -23.94 -7.84
CA LYS C 31 -19.66 -23.49 -8.15
C LYS C 31 -19.65 -22.69 -9.45
N LEU C 32 -20.74 -22.80 -10.20
CA LEU C 32 -20.90 -22.09 -11.48
C LEU C 32 -21.95 -21.01 -11.25
N GLU C 33 -21.89 -19.88 -11.96
CA GLU C 33 -22.86 -18.78 -11.79
C GLU C 33 -23.15 -18.02 -13.07
N LYS C 34 -24.25 -17.26 -13.04
CA LYS C 34 -24.73 -16.47 -14.18
C LYS C 34 -24.58 -14.99 -13.82
N THR C 35 -23.77 -14.29 -14.60
CA THR C 35 -23.24 -13.01 -14.19
C THR C 35 -23.87 -11.98 -15.10
N THR C 36 -24.57 -11.01 -14.52
CA THR C 36 -25.18 -9.95 -15.32
C THR C 36 -24.49 -8.64 -14.94
N TYR C 37 -24.24 -7.79 -15.93
CA TYR C 37 -23.28 -6.68 -15.78
C TYR C 37 -23.55 -5.62 -16.85
N MET C 38 -23.28 -4.35 -16.56
CA MET C 38 -23.47 -3.28 -17.55
C MET C 38 -22.21 -3.08 -18.36
N ASP C 39 -22.30 -3.14 -19.68
CA ASP C 39 -21.16 -2.82 -20.51
C ASP C 39 -20.88 -1.31 -20.44
N PRO C 40 -19.78 -0.88 -21.07
CA PRO C 40 -19.34 0.53 -21.17
C PRO C 40 -20.41 1.49 -21.77
N THR C 41 -20.99 1.09 -22.91
CA THR C 41 -22.00 1.91 -23.62
C THR C 41 -23.35 2.08 -22.88
N GLY C 42 -23.67 1.17 -21.95
CA GLY C 42 -24.91 1.24 -21.16
C GLY C 42 -25.80 0.02 -21.30
N LYS C 43 -25.54 -0.83 -22.30
CA LYS C 43 -26.25 -2.10 -22.47
C LYS C 43 -25.97 -3.13 -21.36
N THR C 44 -27.05 -3.55 -20.70
CA THR C 44 -27.06 -4.80 -19.90
C THR C 44 -26.62 -6.00 -20.76
N ARG C 45 -25.75 -6.87 -20.21
CA ARG C 45 -25.19 -8.06 -20.88
C ARG C 45 -25.04 -9.16 -19.83
N THR C 46 -24.54 -10.33 -20.23
CA THR C 46 -24.45 -11.49 -19.33
C THR C 46 -23.23 -12.44 -19.61
N TRP C 47 -22.94 -13.34 -18.66
CA TRP C 47 -21.70 -14.15 -18.64
C TRP C 47 -21.77 -15.36 -17.69
N GLU C 48 -21.18 -16.49 -18.09
CA GLU C 48 -21.08 -17.69 -17.24
C GLU C 48 -19.73 -17.71 -16.41
N SER C 49 -19.83 -17.79 -15.09
CA SER C 49 -18.71 -17.52 -14.19
C SER C 49 -18.49 -18.69 -13.23
N VAL C 50 -17.22 -19.02 -12.99
CA VAL C 50 -16.85 -20.09 -12.12
C VAL C 50 -16.16 -19.50 -10.90
N LYS C 51 -16.51 -20.02 -9.73
CA LYS C 51 -15.93 -19.59 -8.48
C LYS C 51 -15.80 -20.81 -7.59
N ARG C 52 -14.76 -20.86 -6.75
CA ARG C 52 -14.58 -21.96 -5.81
C ARG C 52 -15.36 -21.65 -4.58
N THR C 53 -15.66 -22.68 -3.81
CA THR C 53 -16.50 -22.54 -2.63
C THR C 53 -15.69 -22.31 -1.37
N THR C 54 -14.37 -22.27 -1.51
CA THR C 54 -13.43 -22.38 -0.41
C THR C 54 -12.86 -21.04 0.11
N ARG C 55 -13.08 -19.90 -0.55
CA ARG C 55 -12.38 -18.65 -0.23
C ARG C 55 -13.05 -17.88 0.92
N LYS C 56 -12.25 -17.41 1.90
CA LYS C 56 -12.73 -16.76 3.14
C LYS C 56 -12.47 -15.24 3.15
N GLN C 58 -9.77 -14.10 3.02
CA GLN C 58 -8.50 -14.61 2.53
C GLN C 58 -8.06 -13.77 1.34
N THR C 59 -6.75 -13.54 1.24
CA THR C 59 -6.16 -12.62 0.25
C THR C 59 -6.38 -13.11 -1.19
N ALA C 60 -6.41 -14.44 -1.32
CA ALA C 60 -6.62 -15.11 -2.58
C ALA C 60 -6.98 -16.57 -2.32
N ASP C 61 -7.40 -17.28 -3.38
CA ASP C 61 -7.70 -18.69 -3.20
C ASP C 61 -6.46 -19.48 -2.79
N GLY C 62 -5.34 -19.24 -3.49
CA GLY C 62 -4.16 -20.11 -3.36
C GLY C 62 -2.85 -19.40 -3.38
N VAL C 63 -1.78 -20.19 -3.27
CA VAL C 63 -0.45 -19.70 -3.64
C VAL C 63 0.19 -20.65 -4.65
N ALA C 64 0.98 -20.09 -5.57
CA ALA C 64 1.97 -20.85 -6.35
C ALA C 64 3.37 -20.37 -5.98
N VAL C 65 4.31 -21.31 -5.87
CA VAL C 65 5.64 -21.02 -5.41
C VAL C 65 6.61 -21.12 -6.58
N ILE C 66 7.39 -20.05 -6.83
CA ILE C 66 8.53 -20.14 -7.70
C ILE C 66 9.77 -20.51 -6.84
N PRO C 67 10.18 -21.80 -6.86
CA PRO C 67 11.16 -22.20 -5.87
C PRO C 67 12.48 -22.28 -6.54
N VAL C 68 13.36 -21.36 -6.19
CA VAL C 68 14.63 -21.23 -6.78
C VAL C 68 15.66 -21.94 -5.88
N LEU C 69 16.29 -22.95 -6.45
CA LEU C 69 17.23 -23.83 -5.75
C LEU C 69 18.58 -23.26 -6.04
N GLN C 70 19.18 -22.71 -4.99
CA GLN C 70 20.46 -22.07 -5.05
C GLN C 70 21.55 -22.98 -4.39
N ARG C 71 22.61 -23.24 -5.13
CA ARG C 71 23.80 -24.04 -4.70
C ARG C 71 25.07 -23.36 -5.20
N THR C 72 26.12 -23.40 -4.38
CA THR C 72 27.42 -22.77 -4.64
C THR C 72 28.00 -23.14 -5.98
N LEU C 73 27.93 -24.43 -6.31
CA LEU C 73 28.69 -24.91 -7.46
C LEU C 73 27.90 -24.87 -8.78
N HIS C 74 26.62 -24.52 -8.72
CA HIS C 74 25.72 -24.74 -9.82
C HIS C 74 24.92 -23.52 -10.22
N TYR C 75 24.36 -23.59 -11.41
CA TYR C 75 23.33 -22.63 -11.78
C TYR C 75 22.04 -22.92 -11.00
N GLU C 76 21.23 -21.88 -10.84
CA GLU C 76 19.98 -22.02 -10.10
C GLU C 76 19.08 -22.95 -10.90
N CYS C 77 18.22 -23.71 -10.20
CA CYS C 77 17.20 -24.53 -10.78
C CYS C 77 15.89 -24.01 -10.31
N ILE C 78 14.85 -24.23 -11.12
CA ILE C 78 13.51 -23.94 -10.69
C ILE C 78 12.90 -25.28 -10.32
N VAL C 79 12.26 -25.37 -9.17
CA VAL C 79 11.75 -26.69 -8.67
C VAL C 79 10.30 -26.78 -9.00
N LEU C 80 9.96 -27.74 -9.85
CA LEU C 80 8.61 -27.93 -10.32
C LEU C 80 8.10 -29.28 -9.80
N VAL C 81 6.80 -29.50 -10.01
CA VAL C 81 6.12 -30.69 -9.58
C VAL C 81 5.29 -31.21 -10.72
N LYS C 82 5.21 -32.52 -10.82
CA LYS C 82 4.45 -33.20 -11.83
C LYS C 82 3.39 -34.02 -11.10
N GLN C 83 2.14 -33.83 -11.47
CA GLN C 83 1.08 -34.60 -10.87
C GLN C 83 -0.08 -34.84 -11.82
N PHE C 84 -0.82 -35.90 -11.51
CA PHE C 84 -2.01 -36.23 -12.25
C PHE C 84 -3.09 -35.24 -11.89
N ARG C 85 -3.76 -34.69 -12.88
CA ARG C 85 -4.76 -33.65 -12.65
C ARG C 85 -6.05 -34.08 -13.33
N PRO C 86 -7.07 -34.48 -12.51
CA PRO C 86 -8.29 -35.03 -13.11
C PRO C 86 -9.00 -34.19 -14.15
N PRO C 87 -9.18 -32.86 -13.91
CA PRO C 87 -9.78 -32.02 -14.95
C PRO C 87 -9.06 -32.14 -16.32
N MET C 88 -7.75 -32.27 -16.27
CA MET C 88 -6.94 -32.40 -17.48
C MET C 88 -6.90 -33.83 -18.03
N GLY C 89 -7.20 -34.82 -17.20
CA GLY C 89 -7.16 -36.23 -17.60
C GLY C 89 -5.72 -36.66 -17.85
N GLY C 90 -4.76 -35.98 -17.23
CA GLY C 90 -3.37 -36.29 -17.49
C GLY C 90 -2.48 -35.57 -16.53
N TYR C 91 -1.20 -35.73 -16.78
CA TYR C 91 -0.21 -35.19 -15.91
C TYR C 91 0.13 -33.79 -16.33
N CYS C 92 0.38 -32.95 -15.32
CA CYS C 92 0.80 -31.57 -15.57
C CYS C 92 2.05 -31.23 -14.84
N ILE C 93 2.84 -30.33 -15.43
CA ILE C 93 4.02 -29.84 -14.78
C ILE C 93 3.71 -28.41 -14.29
N GLU C 94 3.74 -28.21 -12.98
CA GLU C 94 3.37 -26.92 -12.39
C GLU C 94 4.36 -26.38 -11.34
N PHE C 95 4.20 -25.10 -10.99
CA PHE C 95 4.81 -24.59 -9.76
C PHE C 95 4.09 -25.28 -8.59
N PRO C 96 4.82 -25.65 -7.53
CA PRO C 96 4.17 -26.12 -6.34
C PRO C 96 3.15 -25.07 -5.86
N ALA C 97 2.04 -25.58 -5.36
CA ALA C 97 0.87 -24.78 -5.22
C ALA C 97 -0.14 -25.49 -4.39
N GLY C 98 -0.91 -24.69 -3.67
CA GLY C 98 -2.08 -25.16 -2.93
C GLY C 98 -2.88 -24.01 -2.36
N LEU C 99 -3.96 -24.37 -1.71
CA LEU C 99 -4.88 -23.43 -1.13
C LEU C 99 -4.36 -22.89 0.20
N ILE C 100 -4.56 -21.58 0.38
CA ILE C 100 -4.24 -20.91 1.63
C ILE C 100 -5.22 -21.39 2.73
N ASP C 101 -4.73 -22.06 3.78
CA ASP C 101 -5.57 -22.44 4.93
C ASP C 101 -6.20 -21.23 5.60
N ASP C 102 -7.23 -21.53 6.41
CA ASP C 102 -7.90 -20.55 7.27
C ASP C 102 -6.93 -19.95 8.30
N GLY C 103 -6.83 -18.62 8.33
CA GLY C 103 -5.93 -17.92 9.25
C GLY C 103 -4.48 -17.94 8.84
N GLU C 104 -4.17 -18.45 7.64
CA GLU C 104 -2.82 -18.60 7.15
C GLU C 104 -2.46 -17.42 6.26
N THR C 105 -1.25 -16.96 6.38
CA THR C 105 -0.73 -16.01 5.45
C THR C 105 -0.27 -16.70 4.11
N PRO C 106 -0.25 -15.95 2.99
CA PRO C 106 0.28 -16.53 1.76
C PRO C 106 1.72 -17.05 1.91
N GLU C 107 2.54 -16.32 2.67
CA GLU C 107 3.95 -16.68 2.81
C GLU C 107 4.06 -18.01 3.53
N ALA C 108 3.21 -18.23 4.51
CA ALA C 108 3.27 -19.42 5.33
C ALA C 108 2.78 -20.60 4.51
N ALA C 109 1.69 -20.39 3.77
CA ALA C 109 1.17 -21.35 2.83
C ALA C 109 2.24 -21.75 1.82
N ALA C 110 2.96 -20.77 1.27
CA ALA C 110 3.98 -21.02 0.27
C ALA C 110 5.09 -21.96 0.82
N LEU C 111 5.57 -21.71 2.05
CA LEU C 111 6.61 -22.58 2.63
C LEU C 111 6.03 -23.93 3.06
N ARG C 112 4.78 -23.94 3.50
CA ARG C 112 4.14 -25.21 3.87
C ARG C 112 3.91 -26.04 2.60
N GLU C 113 3.33 -25.45 1.57
CA GLU C 113 3.08 -26.22 0.35
C GLU C 113 4.36 -26.65 -0.38
N LEU C 114 5.42 -25.84 -0.29
CA LEU C 114 6.69 -26.21 -0.90
C LEU C 114 7.31 -27.41 -0.17
N GLU C 115 7.32 -27.36 1.15
CA GLU C 115 7.89 -28.46 1.92
C GLU C 115 7.13 -29.75 1.68
N GLU C 116 5.80 -29.68 1.70
CA GLU C 116 4.93 -30.86 1.52
C GLU C 116 5.03 -31.52 0.15
N GLU C 117 5.22 -30.69 -0.88
CA GLU C 117 5.17 -31.15 -2.27
C GLU C 117 6.54 -31.55 -2.80
N THR C 118 7.59 -30.94 -2.23
CA THR C 118 8.94 -31.19 -2.68
C THR C 118 9.94 -31.66 -1.61
N GLY C 119 9.62 -31.51 -0.32
CA GLY C 119 10.63 -31.76 0.73
C GLY C 119 11.61 -30.64 1.01
N TYR C 120 11.63 -29.56 0.20
CA TYR C 120 12.54 -28.44 0.45
C TYR C 120 12.09 -27.47 1.54
N LYS C 121 13.07 -27.00 2.31
CA LYS C 121 12.85 -25.95 3.26
C LYS C 121 13.39 -24.63 2.64
N GLY C 122 12.53 -23.62 2.45
CA GLY C 122 12.93 -22.40 1.73
C GLY C 122 12.76 -21.14 2.54
N ASP C 123 13.21 -20.04 1.96
CA ASP C 123 13.04 -18.74 2.54
C ASP C 123 12.21 -17.88 1.57
N ILE C 124 11.30 -17.09 2.11
CA ILE C 124 10.51 -16.20 1.28
C ILE C 124 11.43 -15.12 0.75
N ALA C 125 11.41 -14.93 -0.56
CA ALA C 125 12.07 -13.82 -1.19
C ALA C 125 11.07 -12.70 -1.50
N GLU C 126 9.87 -13.01 -1.97
CA GLU C 126 8.96 -11.98 -2.49
C GLU C 126 7.56 -12.58 -2.62
N CYS C 127 6.54 -11.76 -2.42
CA CYS C 127 5.17 -12.21 -2.54
C CYS C 127 4.43 -11.25 -3.51
N SER C 128 3.73 -11.81 -4.49
CA SER C 128 2.92 -10.99 -5.42
C SER C 128 1.66 -10.49 -4.74
N PRO C 129 1.02 -9.47 -5.33
CA PRO C 129 -0.38 -9.25 -4.91
C PRO C 129 -1.27 -10.38 -5.47
N ALA C 130 -2.50 -10.53 -4.98
CA ALA C 130 -3.50 -11.45 -5.61
C ALA C 130 -3.57 -11.29 -7.13
N VAL C 131 -3.34 -12.38 -7.88
CA VAL C 131 -3.35 -12.33 -9.38
C VAL C 131 -4.34 -13.37 -9.89
N CYS C 132 -5.01 -13.06 -11.02
CA CYS C 132 -6.09 -13.90 -11.53
C CYS C 132 -5.54 -15.04 -12.39
N MET C 133 -6.14 -16.20 -12.21
CA MET C 133 -5.79 -17.42 -12.93
C MET C 133 -6.38 -17.53 -14.32
N ASP C 134 -7.65 -17.20 -14.46
CA ASP C 134 -8.31 -17.28 -15.78
C ASP C 134 -9.52 -16.34 -15.71
N PRO C 135 -9.31 -15.04 -15.97
CA PRO C 135 -10.30 -14.07 -15.56
C PRO C 135 -11.53 -14.02 -16.49
N GLY C 136 -11.41 -14.57 -17.72
CA GLY C 136 -12.54 -14.74 -18.63
C GLY C 136 -13.52 -15.85 -18.23
N LEU C 137 -13.18 -16.57 -17.16
CA LEU C 137 -13.84 -17.80 -16.81
C LEU C 137 -14.03 -18.00 -15.33
N SER C 138 -13.04 -17.65 -14.54
CA SER C 138 -13.17 -17.79 -13.11
C SER C 138 -12.74 -16.53 -12.47
N ASN C 139 -13.09 -16.43 -11.18
CA ASN C 139 -12.62 -15.38 -10.28
C ASN C 139 -11.37 -15.87 -9.52
N CYS C 140 -10.79 -17.02 -9.88
CA CYS C 140 -9.75 -17.63 -9.04
C CYS C 140 -8.46 -16.81 -9.00
N THR C 141 -7.92 -16.64 -7.77
CA THR C 141 -6.73 -15.80 -7.50
C THR C 141 -5.63 -16.58 -6.74
N ILE C 142 -4.40 -16.23 -7.04
CA ILE C 142 -3.28 -16.78 -6.27
C ILE C 142 -2.35 -15.66 -5.86
N HIS C 143 -1.51 -15.87 -4.83
CA HIS C 143 -0.26 -15.12 -4.69
C HIS C 143 0.89 -15.99 -5.29
N ILE C 144 1.74 -15.40 -6.11
CA ILE C 144 2.89 -16.05 -6.57
C ILE C 144 3.97 -15.61 -5.58
N VAL C 145 4.54 -16.59 -4.90
CA VAL C 145 5.51 -16.34 -3.88
C VAL C 145 6.81 -16.95 -4.32
N THR C 146 7.81 -16.08 -4.47
CA THR C 146 9.14 -16.47 -4.92
C THR C 146 9.83 -16.92 -3.66
N VAL C 147 10.44 -18.12 -3.69
CA VAL C 147 11.09 -18.71 -2.53
C VAL C 147 12.46 -19.22 -2.89
N THR C 148 13.46 -18.91 -2.08
CA THR C 148 14.83 -19.36 -2.36
C THR C 148 15.00 -20.58 -1.51
N ILE C 149 15.70 -21.56 -2.06
CA ILE C 149 16.06 -22.74 -1.34
C ILE C 149 17.58 -22.82 -1.31
N ASN C 150 18.20 -22.91 -0.13
CA ASN C 150 19.63 -23.16 -0.03
C ASN C 150 19.77 -24.67 -0.16
N GLY C 151 20.16 -25.08 -1.35
CA GLY C 151 20.40 -26.47 -1.68
C GLY C 151 21.70 -27.05 -1.11
N ASP C 152 22.55 -26.21 -0.56
CA ASP C 152 23.80 -26.64 0.04
C ASP C 152 23.70 -26.91 1.51
N ASP C 153 22.63 -26.44 2.12
CA ASP C 153 22.41 -26.60 3.53
C ASP C 153 22.12 -28.07 3.73
N ALA C 154 22.72 -28.65 4.76
CA ALA C 154 22.51 -30.06 5.07
C ALA C 154 21.02 -30.38 5.25
N GLU C 155 20.25 -29.44 5.82
CA GLU C 155 18.79 -29.61 5.96
C GLU C 155 18.04 -29.91 4.65
N ASN C 156 18.55 -29.43 3.49
CA ASN C 156 17.96 -29.70 2.19
C ASN C 156 18.61 -30.83 1.42
N ALA C 157 19.57 -31.53 2.03
CA ALA C 157 20.38 -32.52 1.30
C ALA C 157 19.58 -33.70 0.69
N ARG C 158 18.57 -34.15 1.41
CA ARG C 158 17.77 -35.28 1.01
C ARG C 158 16.32 -34.87 1.16
N PRO C 159 15.83 -33.94 0.30
CA PRO C 159 14.47 -33.45 0.39
C PRO C 159 13.46 -34.59 0.18
N LYS C 160 12.50 -34.76 1.10
CA LYS C 160 11.45 -35.80 0.99
C LYS C 160 10.10 -35.14 1.04
N PRO C 161 9.35 -35.18 -0.07
CA PRO C 161 7.99 -34.67 -0.03
C PRO C 161 7.23 -35.36 1.07
N LYS C 162 6.41 -34.64 1.82
CA LYS C 162 5.49 -35.28 2.78
C LYS C 162 4.08 -34.90 2.30
N PRO C 163 3.59 -35.56 1.23
CA PRO C 163 2.36 -35.10 0.61
C PRO C 163 1.14 -35.64 1.34
N GLY C 164 0.00 -35.00 1.11
CA GLY C 164 -1.26 -35.42 1.71
C GLY C 164 -1.69 -36.81 1.27
N ASP C 165 -2.49 -37.45 2.11
CA ASP C 165 -3.33 -38.54 1.67
C ASP C 165 -4.09 -38.07 0.40
N GLY C 166 -3.98 -38.83 -0.68
CA GLY C 166 -4.51 -38.39 -1.97
C GLY C 166 -3.69 -37.35 -2.74
N GLU C 167 -2.47 -37.02 -2.31
CA GLU C 167 -1.52 -36.24 -3.12
C GLU C 167 -0.39 -37.16 -3.57
N PHE C 168 -0.03 -37.07 -4.85
CA PHE C 168 0.95 -37.94 -5.48
C PHE C 168 1.80 -37.07 -6.43
N VAL C 169 3.00 -36.73 -6.00
CA VAL C 169 3.71 -35.60 -6.57
C VAL C 169 5.10 -36.01 -6.78
N GLU C 170 5.57 -35.78 -8.00
CA GLU C 170 6.94 -36.06 -8.39
C GLU C 170 7.61 -34.71 -8.64
N VAL C 171 8.86 -34.59 -8.25
CA VAL C 171 9.62 -33.34 -8.25
C VAL C 171 10.60 -33.38 -9.39
N ILE C 172 10.64 -32.27 -10.14
CA ILE C 172 11.57 -32.08 -11.24
C ILE C 172 12.17 -30.69 -11.07
N SER C 173 13.46 -30.63 -10.79
CA SER C 173 14.24 -29.39 -10.81
C SER C 173 14.87 -29.16 -12.17
N LEU C 174 14.63 -27.98 -12.74
CA LEU C 174 15.17 -27.66 -14.04
C LEU C 174 16.04 -26.37 -14.00
N PRO C 175 17.17 -26.33 -14.74
CA PRO C 175 18.02 -25.12 -14.77
C PRO C 175 17.25 -23.90 -15.20
N LYS C 176 17.30 -22.82 -14.44
CA LYS C 176 16.62 -21.58 -14.82
C LYS C 176 17.16 -21.07 -16.16
N ASN C 177 18.46 -21.25 -16.37
CA ASN C 177 19.14 -20.71 -17.59
C ASN C 177 18.84 -21.54 -18.84
N ASP C 178 18.04 -22.60 -18.70
CA ASP C 178 17.59 -23.38 -19.87
C ASP C 178 16.16 -23.91 -19.71
N LEU C 179 15.33 -23.18 -18.96
CA LEU C 179 14.03 -23.70 -18.55
C LEU C 179 13.15 -24.09 -19.72
N LEU C 180 12.91 -23.14 -20.62
CA LEU C 180 12.05 -23.40 -21.77
C LEU C 180 12.46 -24.64 -22.55
N GLN C 181 13.67 -24.66 -23.14
CA GLN C 181 14.15 -25.88 -23.86
C GLN C 181 13.94 -27.16 -23.03
N ARG C 182 14.23 -27.11 -21.77
CA ARG C 182 14.08 -28.30 -20.94
C ARG C 182 12.63 -28.69 -20.70
N LEU C 183 11.72 -27.71 -20.61
CA LEU C 183 10.29 -27.97 -20.59
C LEU C 183 9.80 -28.60 -21.88
N ASP C 184 10.22 -28.01 -23.00
CA ASP C 184 9.94 -28.51 -24.35
C ASP C 184 10.40 -29.97 -24.52
N ALA C 185 11.51 -30.33 -23.92
CA ALA C 185 12.03 -31.69 -24.04
C ALA C 185 11.28 -32.71 -23.19
N LEU C 186 10.73 -32.29 -22.04
CA LEU C 186 9.78 -33.15 -21.28
C LEU C 186 8.46 -33.39 -21.99
N VAL C 187 7.94 -32.35 -22.62
CA VAL C 187 6.73 -32.45 -23.42
C VAL C 187 7.01 -33.38 -24.59
N ALA C 188 8.22 -33.33 -25.15
CA ALA C 188 8.64 -34.20 -26.28
C ALA C 188 8.65 -35.68 -25.93
N GLU C 189 9.36 -36.05 -24.87
CA GLU C 189 9.46 -37.45 -24.42
C GLU C 189 8.13 -38.12 -23.94
N GLU C 190 7.17 -37.34 -23.43
CA GLU C 190 5.99 -37.88 -22.72
C GLU C 190 4.74 -37.08 -23.02
N HIS C 191 3.57 -37.59 -22.62
CA HIS C 191 2.38 -36.72 -22.64
C HIS C 191 2.10 -36.07 -21.30
N LEU C 192 2.52 -34.82 -21.23
CA LEU C 192 2.29 -33.97 -20.10
C LEU C 192 2.05 -32.55 -20.60
N THR C 193 1.31 -31.79 -19.78
CA THR C 193 0.97 -30.40 -20.07
C THR C 193 1.75 -29.46 -19.09
N VAL C 194 2.38 -28.43 -19.62
CA VAL C 194 3.10 -27.49 -18.79
C VAL C 194 2.06 -26.46 -18.35
N ASP C 195 2.17 -26.01 -17.10
CA ASP C 195 1.27 -24.97 -16.60
C ASP C 195 1.57 -23.65 -17.31
N ALA C 196 0.54 -22.84 -17.60
CA ALA C 196 0.73 -21.57 -18.34
C ALA C 196 1.62 -20.59 -17.60
N ARG C 197 1.55 -20.60 -16.27
CA ARG C 197 2.39 -19.69 -15.47
C ARG C 197 3.83 -20.12 -15.50
N VAL C 198 4.07 -21.42 -15.48
CA VAL C 198 5.39 -21.95 -15.73
C VAL C 198 5.93 -21.55 -17.13
N TYR C 199 5.14 -21.79 -18.17
CA TYR C 199 5.58 -21.51 -19.54
C TYR C 199 5.87 -20.02 -19.81
N SER C 200 5.09 -19.14 -19.17
CA SER C 200 5.25 -17.69 -19.28
C SER C 200 6.50 -17.29 -18.58
N TYR C 201 6.74 -17.91 -17.45
CA TYR C 201 7.98 -17.63 -16.74
C TYR C 201 9.15 -18.09 -17.58
N ALA C 202 9.04 -19.30 -18.15
CA ALA C 202 10.16 -19.83 -19.00
C ALA C 202 10.42 -18.92 -20.19
N LEU C 203 9.36 -18.42 -20.81
CA LEU C 203 9.46 -17.54 -21.95
C LEU C 203 10.19 -16.23 -21.63
N ALA C 204 9.76 -15.56 -20.56
CA ALA C 204 10.46 -14.35 -20.09
C ALA C 204 11.95 -14.54 -19.78
N LEU C 205 12.32 -15.70 -19.20
CA LEU C 205 13.72 -15.95 -18.94
C LEU C 205 14.48 -15.99 -20.29
N LYS C 206 13.89 -16.66 -21.28
CA LYS C 206 14.43 -16.68 -22.64
C LYS C 206 14.57 -15.26 -23.26
N HIS C 207 13.55 -14.45 -23.09
CA HIS C 207 13.50 -13.12 -23.71
C HIS C 207 14.33 -12.04 -23.03
N ALA C 208 14.70 -12.25 -21.78
CA ALA C 208 15.39 -11.21 -21.01
C ALA C 208 16.72 -10.84 -21.65
N LYS D 15 -0.19 -44.68 -15.04
CA LYS D 15 -0.10 -45.04 -13.59
C LYS D 15 -1.34 -44.57 -12.81
N GLN D 16 -1.88 -43.40 -13.17
CA GLN D 16 -3.25 -42.99 -12.87
C GLN D 16 -4.05 -42.85 -14.15
N TYR D 17 -5.38 -42.84 -14.03
CA TYR D 17 -6.26 -42.66 -15.18
C TYR D 17 -7.64 -42.23 -14.78
N ILE D 18 -8.36 -41.65 -15.74
CA ILE D 18 -9.77 -41.27 -15.59
C ILE D 18 -10.62 -42.54 -15.81
N ILE D 19 -11.63 -42.71 -14.97
CA ILE D 19 -12.55 -43.86 -15.01
C ILE D 19 -13.85 -43.42 -15.66
N SER D 20 -14.40 -42.26 -15.24
CA SER D 20 -15.63 -41.69 -15.84
C SER D 20 -15.79 -40.20 -15.63
N GLU D 21 -16.68 -39.60 -16.42
CA GLU D 21 -16.95 -38.17 -16.36
C GLU D 21 -18.46 -37.87 -16.36
N GLU D 22 -19.04 -37.80 -15.15
CA GLU D 22 -20.48 -37.49 -14.96
C GLU D 22 -20.70 -35.98 -15.18
N LEU D 23 -21.40 -35.61 -16.26
CA LEU D 23 -21.88 -34.22 -16.45
C LEU D 23 -22.77 -33.85 -15.27
N ILE D 24 -22.53 -32.69 -14.65
CA ILE D 24 -23.32 -32.22 -13.46
C ILE D 24 -24.21 -31.04 -13.83
N SER D 25 -23.67 -30.08 -14.55
CA SER D 25 -24.44 -28.95 -15.04
C SER D 25 -23.68 -28.31 -16.20
N GLU D 26 -24.43 -27.86 -17.21
CA GLU D 26 -23.93 -27.47 -18.53
C GLU D 26 -24.68 -26.23 -18.97
N GLY D 27 -24.01 -25.33 -19.69
CA GLY D 27 -24.55 -23.99 -19.97
C GLY D 27 -24.05 -23.50 -21.32
N LYS D 28 -24.28 -22.23 -21.61
CA LYS D 28 -23.95 -21.65 -22.93
C LYS D 28 -22.44 -21.73 -23.24
N TRP D 29 -21.59 -21.40 -22.26
CA TRP D 29 -20.11 -21.38 -22.45
C TRP D 29 -19.26 -22.41 -21.62
N VAL D 30 -19.72 -22.84 -20.44
CA VAL D 30 -18.91 -23.70 -19.53
C VAL D 30 -19.77 -24.81 -18.91
N LYS D 31 -19.13 -25.85 -18.39
CA LYS D 31 -19.81 -27.01 -17.76
C LYS D 31 -19.03 -27.54 -16.55
N LEU D 32 -19.68 -28.37 -15.75
CA LEU D 32 -19.12 -28.89 -14.53
C LEU D 32 -19.36 -30.40 -14.48
N GLU D 33 -18.39 -31.15 -13.95
CA GLU D 33 -18.42 -32.62 -13.94
C GLU D 33 -17.88 -33.16 -12.64
N LYS D 34 -18.48 -34.25 -12.14
CA LYS D 34 -17.78 -35.14 -11.22
C LYS D 34 -16.88 -36.07 -12.10
N THR D 35 -15.62 -36.20 -11.71
CA THR D 35 -14.63 -36.94 -12.46
C THR D 35 -14.13 -38.04 -11.55
N THR D 36 -14.21 -39.29 -11.98
CA THR D 36 -13.68 -40.39 -11.15
C THR D 36 -12.37 -40.87 -11.74
N TYR D 37 -11.40 -41.21 -10.89
CA TYR D 37 -10.09 -41.60 -11.39
C TYR D 37 -9.43 -42.56 -10.43
N MET D 38 -8.49 -43.35 -10.94
CA MET D 38 -7.74 -44.25 -10.14
C MET D 38 -6.47 -43.54 -9.75
N ASP D 39 -6.14 -43.56 -8.47
CA ASP D 39 -4.88 -43.03 -7.97
C ASP D 39 -3.79 -44.09 -8.12
N PRO D 40 -2.54 -43.76 -7.80
CA PRO D 40 -1.48 -44.76 -8.06
C PRO D 40 -1.65 -46.12 -7.33
N THR D 41 -2.15 -46.09 -6.09
CA THR D 41 -2.34 -47.31 -5.27
C THR D 41 -3.25 -48.34 -5.94
N GLY D 42 -4.27 -47.85 -6.63
CA GLY D 42 -5.43 -48.64 -7.05
C GLY D 42 -6.72 -48.25 -6.32
N LYS D 43 -6.77 -47.04 -5.75
CA LYS D 43 -7.96 -46.56 -5.06
C LYS D 43 -8.74 -45.55 -5.94
N THR D 44 -10.02 -45.84 -6.15
CA THR D 44 -10.89 -44.90 -6.85
C THR D 44 -11.00 -43.67 -5.99
N ARG D 45 -11.01 -42.50 -6.63
CA ARG D 45 -11.25 -41.21 -5.96
C ARG D 45 -12.03 -40.36 -6.94
N THR D 46 -12.65 -39.29 -6.47
CA THR D 46 -13.36 -38.38 -7.41
C THR D 46 -12.80 -36.94 -7.36
N TRP D 47 -13.32 -36.10 -8.27
CA TRP D 47 -12.86 -34.71 -8.42
C TRP D 47 -13.91 -33.87 -9.14
N GLU D 48 -14.16 -32.64 -8.69
CA GLU D 48 -15.07 -31.72 -9.39
C GLU D 48 -14.26 -30.83 -10.36
N SER D 49 -14.70 -30.79 -11.62
CA SER D 49 -13.91 -30.26 -12.76
C SER D 49 -14.75 -29.42 -13.68
N VAL D 50 -14.12 -28.44 -14.30
CA VAL D 50 -14.78 -27.43 -15.08
C VAL D 50 -14.26 -27.60 -16.49
N LYS D 51 -15.15 -27.49 -17.49
CA LYS D 51 -14.73 -27.52 -18.89
C LYS D 51 -15.54 -26.52 -19.70
N ARG D 52 -14.94 -25.93 -20.73
CA ARG D 52 -15.63 -25.04 -21.67
C ARG D 52 -16.32 -25.92 -22.73
N THR D 53 -17.34 -25.39 -23.41
CA THR D 53 -18.17 -26.17 -24.32
C THR D 53 -17.92 -25.72 -25.74
N THR D 54 -16.66 -25.53 -26.14
CA THR D 54 -16.33 -24.98 -27.45
C THR D 54 -14.94 -25.39 -27.89
N ALA D 60 -6.25 -26.50 -28.66
CA ALA D 60 -6.51 -25.83 -27.36
C ALA D 60 -7.73 -24.88 -27.38
N ASP D 61 -8.22 -24.42 -26.23
CA ASP D 61 -9.38 -23.48 -26.22
C ASP D 61 -9.02 -22.10 -26.80
N GLY D 62 -7.95 -21.48 -26.30
CA GLY D 62 -7.58 -20.12 -26.74
C GLY D 62 -6.12 -19.88 -27.11
N VAL D 63 -5.85 -18.61 -27.37
CA VAL D 63 -4.50 -18.07 -27.45
C VAL D 63 -4.37 -16.90 -26.51
N ALA D 64 -3.14 -16.71 -26.02
CA ALA D 64 -2.77 -15.48 -25.34
C ALA D 64 -1.54 -15.02 -26.01
N VAL D 65 -1.48 -13.74 -26.32
CA VAL D 65 -0.37 -13.22 -27.08
C VAL D 65 0.54 -12.39 -26.15
N ILE D 66 1.84 -12.63 -26.26
CA ILE D 66 2.90 -11.85 -25.62
C ILE D 66 3.41 -10.86 -26.72
N PRO D 67 2.85 -9.65 -26.78
CA PRO D 67 3.17 -8.79 -27.91
C PRO D 67 4.31 -7.78 -27.55
N VAL D 68 5.46 -7.95 -28.23
CA VAL D 68 6.69 -7.21 -28.03
C VAL D 68 6.88 -6.08 -29.07
N LEU D 69 6.56 -4.85 -28.69
CA LEU D 69 6.66 -3.72 -29.64
C LEU D 69 8.09 -3.22 -29.74
N GLN D 70 8.68 -3.30 -30.95
CA GLN D 70 10.09 -2.98 -31.21
C GLN D 70 10.30 -1.80 -32.18
N ARG D 71 10.87 -0.70 -31.69
CA ARG D 71 11.36 0.41 -32.54
C ARG D 71 12.88 0.47 -32.48
N THR D 72 13.53 0.67 -33.63
CA THR D 72 14.99 0.82 -33.61
C THR D 72 15.35 2.03 -32.77
N LEU D 73 16.49 1.96 -32.07
CA LEU D 73 16.93 3.06 -31.21
C LEU D 73 15.95 3.34 -30.03
N HIS D 74 15.19 2.33 -29.62
CA HIS D 74 14.23 2.45 -28.51
C HIS D 74 14.21 1.17 -27.68
N TYR D 75 13.67 1.30 -26.46
CA TYR D 75 13.38 0.19 -25.53
C TYR D 75 12.23 -0.61 -26.12
N GLU D 76 12.19 -1.90 -25.84
CA GLU D 76 10.98 -2.71 -26.06
C GLU D 76 9.85 -2.42 -25.06
N CYS D 77 8.60 -2.49 -25.54
CA CYS D 77 7.40 -2.51 -24.72
C CYS D 77 6.60 -3.79 -24.93
N ILE D 78 5.79 -4.11 -23.92
CA ILE D 78 4.96 -5.29 -23.92
C ILE D 78 3.54 -4.76 -23.94
N VAL D 79 2.82 -5.10 -24.98
CA VAL D 79 1.48 -4.53 -25.12
C VAL D 79 0.48 -5.43 -24.39
N LEU D 80 -0.12 -4.92 -23.34
CA LEU D 80 -1.12 -5.63 -22.60
C LEU D 80 -2.45 -5.04 -23.00
N VAL D 81 -3.52 -5.60 -22.46
CA VAL D 81 -4.82 -4.96 -22.57
C VAL D 81 -5.51 -4.97 -21.26
N LYS D 82 -6.34 -3.97 -20.97
CA LYS D 82 -7.19 -3.95 -19.77
C LYS D 82 -8.61 -3.99 -20.23
N GLN D 83 -9.43 -4.73 -19.50
CA GLN D 83 -10.84 -4.89 -19.82
C GLN D 83 -11.55 -5.45 -18.59
N PHE D 84 -12.88 -5.30 -18.57
CA PHE D 84 -13.72 -5.71 -17.44
C PHE D 84 -14.05 -7.17 -17.63
N ARG D 85 -13.87 -7.94 -16.56
CA ARG D 85 -14.03 -9.38 -16.59
C ARG D 85 -15.12 -9.64 -15.62
N PRO D 86 -16.28 -10.11 -16.11
CA PRO D 86 -17.41 -10.42 -15.23
C PRO D 86 -17.16 -11.43 -14.13
N PRO D 87 -16.41 -12.50 -14.43
CA PRO D 87 -16.14 -13.44 -13.32
C PRO D 87 -15.31 -12.83 -12.15
N MET D 88 -14.39 -11.92 -12.50
CA MET D 88 -13.51 -11.23 -11.52
C MET D 88 -14.20 -9.99 -10.89
N GLY D 89 -15.41 -9.64 -11.32
CA GLY D 89 -16.06 -8.44 -10.82
C GLY D 89 -15.29 -7.15 -11.07
N GLY D 90 -14.35 -7.11 -12.01
CA GLY D 90 -13.58 -5.90 -12.16
C GLY D 90 -12.61 -5.99 -13.28
N TYR D 91 -11.81 -4.95 -13.41
CA TYR D 91 -10.92 -4.85 -14.55
C TYR D 91 -9.63 -5.68 -14.30
N CYS D 92 -9.09 -6.27 -15.38
CA CYS D 92 -7.90 -7.11 -15.29
C CYS D 92 -6.98 -6.67 -16.40
N ILE D 93 -5.70 -6.65 -16.09
CA ILE D 93 -4.65 -6.42 -17.08
C ILE D 93 -4.09 -7.79 -17.50
N GLU D 94 -4.16 -8.08 -18.81
CA GLU D 94 -3.81 -9.37 -19.36
C GLU D 94 -3.03 -9.19 -20.62
N PHE D 95 -2.44 -10.29 -21.08
CA PHE D 95 -1.95 -10.37 -22.45
C PHE D 95 -3.19 -10.37 -23.38
N PRO D 96 -3.09 -9.79 -24.59
CA PRO D 96 -4.28 -9.93 -25.42
C PRO D 96 -4.56 -11.40 -25.69
N ALA D 97 -5.82 -11.79 -25.55
CA ALA D 97 -6.19 -13.18 -25.64
C ALA D 97 -7.56 -13.33 -26.25
N GLY D 98 -7.81 -14.53 -26.74
CA GLY D 98 -9.15 -14.92 -27.22
C GLY D 98 -9.29 -16.39 -27.61
N LEU D 99 -10.54 -16.86 -27.76
CA LEU D 99 -10.78 -18.23 -28.26
C LEU D 99 -10.35 -18.39 -29.70
N ILE D 100 -9.87 -19.60 -30.02
CA ILE D 100 -9.51 -19.93 -31.37
C ILE D 100 -10.84 -20.30 -32.07
N ASP D 101 -10.99 -19.80 -33.30
CA ASP D 101 -12.18 -20.08 -34.15
C ASP D 101 -12.04 -21.48 -34.74
N ASP D 102 -13.17 -22.16 -35.02
CA ASP D 102 -13.15 -23.49 -35.68
C ASP D 102 -12.40 -23.38 -37.02
N GLY D 103 -11.40 -24.25 -37.20
CA GLY D 103 -10.58 -24.28 -38.42
C GLY D 103 -9.72 -23.04 -38.60
N GLU D 104 -8.96 -22.70 -37.55
CA GLU D 104 -8.00 -21.60 -37.56
C GLU D 104 -6.80 -22.06 -36.77
N THR D 105 -5.60 -21.97 -37.33
CA THR D 105 -4.39 -22.27 -36.59
C THR D 105 -4.25 -21.32 -35.37
N PRO D 106 -3.57 -21.74 -34.28
CA PRO D 106 -3.18 -20.82 -33.20
C PRO D 106 -2.47 -19.53 -33.68
N GLU D 107 -1.47 -19.67 -34.56
CA GLU D 107 -0.70 -18.53 -35.05
C GLU D 107 -1.63 -17.46 -35.60
N ALA D 108 -2.57 -17.86 -36.46
CA ALA D 108 -3.43 -16.92 -37.15
C ALA D 108 -4.43 -16.29 -36.14
N ALA D 109 -4.88 -17.06 -35.14
CA ALA D 109 -5.78 -16.49 -34.12
C ALA D 109 -5.05 -15.44 -33.25
N ALA D 110 -3.76 -15.67 -32.98
CA ALA D 110 -2.98 -14.71 -32.18
C ALA D 110 -2.88 -13.40 -32.94
N LEU D 111 -2.40 -13.48 -34.18
CA LEU D 111 -2.28 -12.29 -35.00
C LEU D 111 -3.62 -11.59 -35.17
N ARG D 112 -4.70 -12.35 -35.29
CA ARG D 112 -6.03 -11.75 -35.49
C ARG D 112 -6.55 -11.08 -34.24
N GLU D 113 -6.44 -11.78 -33.11
CA GLU D 113 -6.94 -11.26 -31.85
C GLU D 113 -6.03 -10.13 -31.31
N LEU D 114 -4.76 -10.09 -31.72
CA LEU D 114 -3.86 -8.96 -31.37
C LEU D 114 -4.17 -7.72 -32.20
N GLU D 115 -4.33 -7.87 -33.51
CA GLU D 115 -4.91 -6.79 -34.35
C GLU D 115 -6.33 -6.35 -33.90
N GLU D 116 -7.21 -7.30 -33.60
CA GLU D 116 -8.53 -6.92 -33.05
C GLU D 116 -8.40 -6.13 -31.78
N GLU D 117 -7.63 -6.64 -30.83
CA GLU D 117 -7.62 -6.04 -29.48
C GLU D 117 -6.69 -4.80 -29.34
N THR D 118 -5.65 -4.73 -30.16
CA THR D 118 -4.64 -3.67 -30.08
C THR D 118 -4.49 -2.81 -31.34
N GLY D 119 -4.84 -3.33 -32.50
CA GLY D 119 -4.62 -2.62 -33.75
C GLY D 119 -3.31 -2.98 -34.43
N TYR D 120 -2.35 -3.58 -33.71
CA TYR D 120 -1.05 -3.85 -34.31
C TYR D 120 -1.04 -5.09 -35.21
N LYS D 121 -0.12 -5.11 -36.17
CA LYS D 121 0.08 -6.23 -37.09
C LYS D 121 1.41 -6.83 -36.70
N GLY D 122 1.34 -8.06 -36.19
CA GLY D 122 2.51 -8.75 -35.64
C GLY D 122 3.21 -9.62 -36.64
N ASP D 123 4.36 -10.11 -36.23
CA ASP D 123 5.07 -11.20 -36.89
C ASP D 123 5.28 -12.33 -35.86
N ILE D 124 4.92 -13.56 -36.21
CA ILE D 124 5.06 -14.69 -35.28
C ILE D 124 6.54 -14.98 -34.98
N ALA D 125 6.93 -14.92 -33.71
CA ALA D 125 8.25 -15.35 -33.27
C ALA D 125 8.21 -16.83 -32.85
N GLU D 126 7.25 -17.20 -32.04
CA GLU D 126 7.19 -18.62 -31.59
C GLU D 126 5.83 -18.88 -31.01
N CYS D 127 5.50 -20.16 -30.89
CA CYS D 127 4.17 -20.57 -30.43
C CYS D 127 4.32 -21.77 -29.51
N SER D 128 3.67 -21.70 -28.35
CA SER D 128 3.78 -22.76 -27.35
C SER D 128 2.88 -23.92 -27.69
N PRO D 129 3.23 -25.11 -27.20
CA PRO D 129 2.20 -26.15 -27.13
C PRO D 129 1.05 -25.72 -26.24
N ALA D 130 -0.02 -26.51 -26.19
CA ALA D 130 -1.15 -26.18 -25.35
C ALA D 130 -0.69 -26.29 -23.93
N VAL D 131 -1.03 -25.29 -23.14
CA VAL D 131 -0.54 -25.18 -21.77
C VAL D 131 -1.81 -24.95 -20.96
N CYS D 132 -1.84 -25.50 -19.73
CA CYS D 132 -3.03 -25.52 -18.90
C CYS D 132 -3.19 -24.23 -18.07
N MET D 133 -4.44 -23.78 -17.96
CA MET D 133 -4.77 -22.48 -17.37
C MET D 133 -4.87 -22.62 -15.88
N ASP D 134 -5.69 -23.55 -15.41
CA ASP D 134 -5.80 -23.83 -13.98
C ASP D 134 -6.07 -25.35 -13.78
N PRO D 135 -5.02 -26.20 -13.91
CA PRO D 135 -5.20 -27.65 -14.07
C PRO D 135 -6.00 -28.35 -12.95
N GLY D 136 -5.94 -27.84 -11.73
CA GLY D 136 -6.71 -28.41 -10.61
C GLY D 136 -8.19 -27.99 -10.58
N LEU D 137 -8.61 -27.15 -11.53
CA LEU D 137 -9.99 -26.67 -11.63
C LEU D 137 -10.62 -26.98 -12.97
N SER D 138 -9.90 -26.69 -14.04
CA SER D 138 -10.48 -26.74 -15.35
C SER D 138 -9.58 -27.53 -16.29
N ASN D 139 -10.10 -27.81 -17.47
CA ASN D 139 -9.33 -28.47 -18.49
C ASN D 139 -8.84 -27.44 -19.48
N CYS D 140 -9.09 -26.15 -19.24
CA CYS D 140 -8.88 -25.18 -20.31
C CYS D 140 -7.41 -25.01 -20.54
N THR D 141 -7.08 -24.77 -21.81
CA THR D 141 -5.71 -24.70 -22.26
C THR D 141 -5.59 -23.59 -23.29
N ILE D 142 -4.40 -23.05 -23.44
CA ILE D 142 -4.13 -22.06 -24.48
C ILE D 142 -2.82 -22.33 -25.19
N HIS D 143 -2.62 -21.70 -26.34
CA HIS D 143 -1.27 -21.55 -26.87
C HIS D 143 -0.85 -20.15 -26.48
N ILE D 144 0.34 -20.04 -25.88
CA ILE D 144 1.01 -18.74 -25.66
C ILE D 144 1.85 -18.41 -26.88
N VAL D 145 1.50 -17.31 -27.55
CA VAL D 145 2.10 -16.97 -28.83
C VAL D 145 2.89 -15.70 -28.68
N THR D 146 4.19 -15.78 -28.93
CA THR D 146 5.11 -14.63 -28.86
C THR D 146 5.12 -13.95 -30.23
N VAL D 147 4.82 -12.65 -30.22
CA VAL D 147 4.56 -11.84 -31.42
C VAL D 147 5.36 -10.52 -31.39
N THR D 148 6.24 -10.34 -32.38
CA THR D 148 7.00 -9.09 -32.53
C THR D 148 6.21 -8.11 -33.40
N ILE D 149 6.31 -6.83 -33.08
CA ILE D 149 5.57 -5.79 -33.78
C ILE D 149 6.63 -4.84 -34.32
N ASN D 150 6.68 -4.68 -35.63
CA ASN D 150 7.63 -3.74 -36.25
C ASN D 150 7.02 -2.35 -36.18
N GLY D 151 7.31 -1.63 -35.09
CA GLY D 151 6.84 -0.25 -34.91
C GLY D 151 7.49 0.81 -35.79
N ASP D 152 8.51 0.45 -36.59
CA ASP D 152 9.02 1.26 -37.73
C ASP D 152 8.34 1.01 -39.12
N ASP D 153 7.18 0.34 -39.17
CA ASP D 153 6.59 -0.08 -40.45
C ASP D 153 5.78 1.05 -41.07
N ALA D 154 4.76 1.48 -40.33
CA ALA D 154 3.74 2.49 -40.74
C ALA D 154 2.34 1.95 -40.41
N GLU D 155 2.03 0.72 -40.86
CA GLU D 155 0.82 -0.02 -40.42
C GLU D 155 0.70 0.05 -38.91
N ASN D 156 1.87 0.09 -38.24
CA ASN D 156 1.96 0.23 -36.78
C ASN D 156 2.34 1.59 -36.21
N ALA D 157 2.22 2.65 -37.01
CA ALA D 157 2.56 4.00 -36.54
C ALA D 157 1.60 4.47 -35.42
N ARG D 158 0.30 4.34 -35.68
CA ARG D 158 -0.72 4.75 -34.71
C ARG D 158 -2.02 4.02 -35.01
N PRO D 159 -2.02 2.69 -34.83
CA PRO D 159 -3.18 1.85 -35.10
C PRO D 159 -4.21 1.90 -33.97
N LYS D 160 -5.45 1.56 -34.30
CA LYS D 160 -6.56 1.53 -33.33
C LYS D 160 -7.23 0.14 -33.34
N PRO D 161 -7.78 -0.29 -32.18
CA PRO D 161 -8.38 -1.62 -32.10
C PRO D 161 -9.73 -1.72 -32.82
N LYS D 162 -9.99 -2.82 -33.53
CA LYS D 162 -11.33 -3.15 -34.06
C LYS D 162 -12.02 -4.29 -33.25
N PRO D 163 -12.77 -3.94 -32.19
CA PRO D 163 -13.50 -4.99 -31.46
C PRO D 163 -14.87 -5.28 -32.06
N GLY D 164 -15.40 -6.46 -31.70
CA GLY D 164 -16.80 -6.82 -31.96
C GLY D 164 -17.71 -6.26 -30.88
N ASP D 165 -19.00 -6.57 -30.97
CA ASP D 165 -19.99 -6.12 -29.99
C ASP D 165 -19.65 -6.79 -28.67
N GLY D 166 -19.90 -6.09 -27.59
CA GLY D 166 -19.58 -6.60 -26.26
C GLY D 166 -18.10 -6.74 -25.93
N GLU D 167 -17.22 -6.14 -26.76
CA GLU D 167 -15.77 -6.18 -26.54
C GLU D 167 -15.24 -4.76 -26.37
N PHE D 168 -14.78 -4.45 -25.15
CA PHE D 168 -14.31 -3.12 -24.77
C PHE D 168 -12.96 -3.30 -24.08
N VAL D 169 -11.88 -2.99 -24.81
CA VAL D 169 -10.51 -3.21 -24.34
C VAL D 169 -9.61 -1.97 -24.48
N GLU D 170 -8.93 -1.59 -23.38
CA GLU D 170 -7.92 -0.53 -23.42
C GLU D 170 -6.56 -1.16 -23.56
N VAL D 171 -5.78 -0.68 -24.52
CA VAL D 171 -4.42 -1.11 -24.70
C VAL D 171 -3.61 -0.48 -23.56
N ILE D 172 -2.60 -1.20 -23.09
CA ILE D 172 -1.69 -0.71 -22.04
C ILE D 172 -0.31 -1.16 -22.44
N SER D 173 0.50 -0.20 -22.89
CA SER D 173 1.85 -0.50 -23.35
C SER D 173 2.81 -0.10 -22.24
N LEU D 174 3.43 -1.10 -21.62
CA LEU D 174 4.37 -0.90 -20.49
C LEU D 174 5.75 -1.31 -20.95
N PRO D 175 6.80 -0.62 -20.46
CA PRO D 175 8.10 -0.96 -21.01
C PRO D 175 8.52 -2.33 -20.45
N LYS D 176 9.14 -3.13 -21.30
CA LYS D 176 9.62 -4.44 -20.95
C LYS D 176 10.59 -4.39 -19.72
N ASN D 177 11.48 -3.39 -19.73
CA ASN D 177 12.54 -3.28 -18.72
C ASN D 177 12.11 -2.91 -17.29
N ASP D 178 10.89 -2.43 -17.10
CA ASP D 178 10.44 -2.12 -15.74
C ASP D 178 9.08 -2.72 -15.51
N LEU D 179 8.81 -3.82 -16.26
CA LEU D 179 7.48 -4.40 -16.32
C LEU D 179 6.88 -4.68 -14.95
N LEU D 180 7.66 -5.35 -14.10
CA LEU D 180 7.16 -5.81 -12.83
C LEU D 180 6.78 -4.65 -11.92
N GLN D 181 7.62 -3.60 -11.91
CA GLN D 181 7.41 -2.43 -11.05
C GLN D 181 6.18 -1.65 -11.51
N ARG D 182 6.08 -1.48 -12.82
CA ARG D 182 4.90 -0.82 -13.41
C ARG D 182 3.66 -1.59 -13.12
N LEU D 183 3.71 -2.92 -13.23
CA LEU D 183 2.55 -3.68 -12.77
C LEU D 183 2.22 -3.44 -11.32
N ASP D 184 3.23 -3.47 -10.46
CA ASP D 184 3.00 -3.32 -9.01
C ASP D 184 2.35 -1.96 -8.68
N ALA D 185 2.83 -0.92 -9.37
CA ALA D 185 2.37 0.45 -9.22
C ALA D 185 0.90 0.55 -9.63
N LEU D 186 0.60 0.09 -10.84
CA LEU D 186 -0.79 0.01 -11.29
C LEU D 186 -1.68 -0.62 -10.26
N VAL D 187 -1.20 -1.68 -9.60
CA VAL D 187 -1.99 -2.42 -8.59
C VAL D 187 -2.13 -1.68 -7.27
N ALA D 188 -1.11 -0.89 -6.91
CA ALA D 188 -1.18 -0.18 -5.65
C ALA D 188 -2.16 1.01 -5.78
N GLU D 189 -2.23 1.57 -6.99
CA GLU D 189 -2.97 2.80 -7.26
C GLU D 189 -4.39 2.58 -7.85
N GLU D 190 -4.62 1.55 -8.67
CA GLU D 190 -5.91 1.35 -9.36
C GLU D 190 -6.66 0.10 -8.94
N HIS D 191 -7.98 0.15 -9.11
CA HIS D 191 -8.87 -0.97 -8.85
C HIS D 191 -8.68 -1.85 -10.10
N LEU D 192 -7.72 -2.77 -10.02
CA LEU D 192 -7.54 -3.76 -11.10
C LEU D 192 -6.82 -4.97 -10.56
N THR D 193 -6.67 -5.96 -11.42
CA THR D 193 -5.97 -7.19 -11.10
C THR D 193 -5.02 -7.54 -12.26
N VAL D 194 -3.84 -8.01 -11.92
CA VAL D 194 -2.89 -8.44 -12.95
C VAL D 194 -3.16 -9.92 -13.13
N ASP D 195 -2.98 -10.35 -14.36
CA ASP D 195 -3.14 -11.74 -14.67
C ASP D 195 -1.90 -12.51 -14.28
N ALA D 196 -2.11 -13.72 -13.78
CA ALA D 196 -0.99 -14.50 -13.27
C ALA D 196 0.07 -14.86 -14.32
N ARG D 197 -0.34 -15.06 -15.58
N ARG D 197 -0.35 -15.07 -15.58
CA ARG D 197 0.64 -15.27 -16.64
CA ARG D 197 0.61 -15.26 -16.69
C ARG D 197 1.45 -13.99 -16.92
C ARG D 197 1.46 -13.99 -16.85
N VAL D 198 0.81 -12.82 -16.84
CA VAL D 198 1.53 -11.54 -17.04
C VAL D 198 2.57 -11.31 -15.93
N TYR D 199 2.18 -11.59 -14.69
CA TYR D 199 2.98 -11.37 -13.55
C TYR D 199 4.13 -12.38 -13.51
N SER D 200 3.88 -13.62 -13.86
CA SER D 200 4.98 -14.62 -13.93
C SER D 200 5.95 -14.18 -15.02
N TYR D 201 5.43 -13.65 -16.10
CA TYR D 201 6.28 -13.13 -17.18
C TYR D 201 7.20 -12.04 -16.65
N ALA D 202 6.61 -11.13 -15.88
CA ALA D 202 7.28 -9.94 -15.38
C ALA D 202 8.37 -10.31 -14.32
N LEU D 203 8.04 -11.22 -13.42
CA LEU D 203 9.00 -11.77 -12.47
C LEU D 203 10.21 -12.35 -13.12
N ALA D 204 9.97 -13.16 -14.14
CA ALA D 204 11.07 -13.84 -14.81
C ALA D 204 12.02 -12.85 -15.46
N LEU D 205 11.52 -11.71 -15.95
CA LEU D 205 12.42 -10.70 -16.56
C LEU D 205 13.45 -10.19 -15.55
N LYS D 206 13.03 -10.16 -14.28
CA LYS D 206 13.90 -9.83 -13.15
C LYS D 206 14.75 -10.98 -12.65
N HIS D 207 14.19 -12.21 -12.62
CA HIS D 207 14.92 -13.38 -12.13
C HIS D 207 15.99 -13.87 -13.09
N ALA D 208 15.80 -13.58 -14.36
CA ALA D 208 16.75 -14.01 -15.38
C ALA D 208 18.17 -13.50 -15.11
N ASN D 209 19.14 -14.22 -15.69
CA ASN D 209 20.54 -13.82 -15.66
C ASN D 209 21.24 -14.35 -14.41
MG MG E . 2.57 26.17 2.97
MG MG F . 1.46 28.59 0.62
CL CL G . -1.88 -0.90 18.81
N1 K0Y H . 7.73 32.97 7.79
C4 K0Y H . 9.00 33.31 8.08
C5 K0Y H . 9.30 32.90 9.44
C6 K0Y H . 8.16 32.32 9.87
C7 K0Y H . 7.76 31.71 11.15
N K0Y H . 9.51 34.24 5.88
C K0Y H . 9.76 38.19 3.03
O K0Y H . 10.15 37.31 4.11
C1 K0Y H . 9.62 36.03 4.20
C2 K0Y H . 10.39 34.92 4.90
C3 K0Y H . 9.93 33.99 7.18
O1 K0Y H . 8.52 35.86 3.70
O2 K0Y H . 11.01 34.31 7.61
O3 K0Y H . 7.21 32.36 8.87
C1 EDO I . 1.60 27.75 12.74
O1 EDO I . 2.92 27.52 13.25
C2 EDO I . 1.45 27.04 11.42
O2 EDO I . 2.09 25.76 11.52
C1 EDO J . -4.77 -7.99 27.29
O1 EDO J . -3.84 -6.90 27.15
C2 EDO J . -5.59 -7.88 28.58
O2 EDO J . -6.02 -6.51 28.77
MG MG K . 5.19 16.29 29.27
MG MG L . 6.80 14.24 31.87
C1 EDO M . 19.03 -22.80 4.88
O1 EDO M . 18.06 -23.73 4.35
C2 EDO M . 18.52 -21.35 4.73
O2 EDO M . 17.47 -21.14 5.70
MG MG N . -0.63 -29.53 -1.55
MG MG O . -0.75 -28.73 -4.90
MG MG P . -10.45 -10.72 -25.51
MG MG Q . -11.23 -11.91 -27.20
#